data_3SKV
#
_entry.id   3SKV
#
_cell.length_a   66.211
_cell.length_b   84.394
_cell.length_c   127.943
_cell.angle_alpha   90.000
_cell.angle_beta   90.000
_cell.angle_gamma   90.000
#
_symmetry.space_group_name_H-M   'P 21 21 21'
#
loop_
_entity.id
_entity.type
_entity.pdbx_description
1 polymer SsfX3
2 non-polymer GLYCEROL
3 water water
#
_entity_poly.entity_id   1
_entity_poly.type   'polypeptide(L)'
_entity_poly.pdbx_seq_one_letter_code
;MGSSHHHHHHSSGLVPRGSHMTTQNTARARADRSVSPTDPALTYRGAVSLQDRDGWLAPWRAPHEDAYLYFPKGSVGRLA
QTSGVRLHLRTDSPWLAVRYEAVGPKPKPGEPQPPAEPALLDVLVDGELARTVELKLDADAELHVDGLPAGDKLVELWLP
TLLQFRLAEVRLEAGATLEKDTSSKPHWIHYGDSICHGRGAASPSRTWLALAARAEGLDLQSLSFAADGSHLQPMFARLI
RDLPADLISLRVGTSNFMDGDGFVDFPANLVGFVQIIRERHPLTPIVLGSSVYSPFWDELPADDKPTVADYREQVVKVAE
LLRKHGDQNVHYLDGMRVWGPERGMELYLEKPDKYPTHPNAVGHEIFAESSRREMAALGVLPVRG
;
_entity_poly.pdbx_strand_id   A,B
#
loop_
_chem_comp.id
_chem_comp.type
_chem_comp.name
_chem_comp.formula
GOL non-polymer GLYCEROL 'C3 H8 O3'
#
# COMPACT_ATOMS: atom_id res chain seq x y z
N ARG A 28 30.41 -33.20 23.96
CA ARG A 28 30.15 -32.44 25.19
C ARG A 28 31.35 -32.44 26.16
N ALA A 29 31.54 -31.30 26.88
CA ALA A 29 32.60 -31.03 27.88
C ALA A 29 32.25 -29.81 28.75
N ARG A 30 32.77 -29.76 30.00
CA ARG A 30 32.55 -28.65 30.92
C ARG A 30 33.21 -27.39 30.34
N ALA A 31 34.47 -27.53 29.90
CA ALA A 31 35.34 -26.48 29.39
C ALA A 31 34.76 -25.70 28.17
N ASP A 32 34.00 -26.39 27.29
CA ASP A 32 33.39 -25.84 26.08
C ASP A 32 32.87 -24.44 26.25
N ARG A 33 33.01 -23.62 25.20
CA ARG A 33 32.54 -22.24 25.25
C ARG A 33 31.04 -22.22 24.87
N SER A 34 30.18 -21.81 25.81
CA SER A 34 28.75 -21.70 25.58
C SER A 34 28.43 -20.28 25.13
N VAL A 35 27.69 -20.16 24.03
CA VAL A 35 27.36 -18.87 23.43
C VAL A 35 25.87 -18.66 23.33
N SER A 36 25.36 -17.56 23.89
CA SER A 36 23.94 -17.24 23.79
C SER A 36 23.57 -16.90 22.35
N PRO A 37 22.37 -17.28 21.85
CA PRO A 37 21.97 -16.87 20.49
C PRO A 37 21.85 -15.33 20.31
N THR A 38 21.79 -14.58 21.42
CA THR A 38 21.73 -13.10 21.43
C THR A 38 23.11 -12.46 21.77
N ASP A 39 24.20 -13.25 21.75
CA ASP A 39 25.55 -12.73 22.02
C ASP A 39 25.85 -11.59 21.01
N PRO A 40 26.47 -10.46 21.43
CA PRO A 40 26.75 -9.36 20.48
C PRO A 40 27.68 -9.71 19.32
N ALA A 41 28.45 -10.81 19.41
CA ALA A 41 29.36 -11.22 18.31
C ALA A 41 28.56 -11.89 17.17
N LEU A 42 27.32 -12.36 17.44
CA LEU A 42 26.47 -13.01 16.42
C LEU A 42 25.70 -11.98 15.60
N THR A 43 25.62 -12.25 14.30
CA THR A 43 24.90 -11.45 13.30
C THR A 43 23.96 -12.40 12.57
N TYR A 44 22.68 -12.03 12.51
CA TYR A 44 21.66 -12.75 11.76
C TYR A 44 21.42 -11.93 10.51
N ARG A 45 21.75 -12.50 9.39
CA ARG A 45 21.56 -11.82 8.13
C ARG A 45 20.31 -12.39 7.49
N GLY A 46 19.56 -11.55 6.82
CA GLY A 46 18.31 -11.98 6.20
C GLY A 46 17.13 -12.07 7.16
N ALA A 47 17.32 -11.64 8.42
CA ALA A 47 16.21 -11.61 9.41
C ALA A 47 15.81 -10.15 9.69
N VAL A 48 14.51 -9.87 9.77
CA VAL A 48 14.00 -8.53 10.05
C VAL A 48 13.93 -8.31 11.57
N SER A 49 13.47 -9.31 12.31
CA SER A 49 13.47 -9.22 13.78
C SER A 49 13.83 -10.55 14.38
N LEU A 50 14.22 -10.54 15.67
CA LEU A 50 14.56 -11.75 16.43
C LEU A 50 13.59 -11.85 17.59
N GLN A 51 12.84 -12.95 17.67
CA GLN A 51 11.84 -13.20 18.73
C GLN A 51 12.42 -14.08 19.82
N ASP A 52 12.32 -13.59 21.05
CA ASP A 52 12.78 -14.22 22.28
C ASP A 52 11.59 -14.88 22.92
N ARG A 53 11.54 -16.22 22.92
CA ARG A 53 10.44 -16.92 23.54
C ARG A 53 10.93 -18.04 24.41
N ASP A 54 10.98 -17.76 25.72
CA ASP A 54 11.33 -18.73 26.78
C ASP A 54 12.65 -19.48 26.57
N GLY A 55 13.73 -18.76 26.31
CA GLY A 55 15.06 -19.33 26.08
C GLY A 55 15.39 -19.64 24.63
N TRP A 56 14.41 -19.47 23.74
CA TRP A 56 14.60 -19.76 22.32
C TRP A 56 14.56 -18.48 21.51
N LEU A 57 15.43 -18.43 20.51
CA LEU A 57 15.55 -17.29 19.64
C LEU A 57 15.06 -17.67 18.26
N ALA A 58 13.98 -17.05 17.80
CA ALA A 58 13.41 -17.28 16.47
C ALA A 58 13.66 -16.10 15.52
N PRO A 59 14.40 -16.28 14.42
CA PRO A 59 14.57 -15.18 13.46
C PRO A 59 13.26 -15.06 12.65
N TRP A 60 12.80 -13.82 12.40
CA TRP A 60 11.58 -13.55 11.63
C TRP A 60 11.92 -12.70 10.42
N ARG A 61 11.17 -12.88 9.36
CA ARG A 61 11.36 -12.10 8.14
C ARG A 61 10.32 -10.96 8.01
N ALA A 62 9.77 -10.53 9.13
CA ALA A 62 8.83 -9.42 9.31
C ALA A 62 8.86 -9.04 10.81
N PRO A 63 8.42 -7.82 11.26
CA PRO A 63 8.49 -7.48 12.70
C PRO A 63 7.53 -8.38 13.47
N HIS A 64 8.02 -9.34 14.28
CA HIS A 64 7.22 -10.34 14.97
C HIS A 64 6.07 -9.81 15.82
N GLU A 65 6.26 -8.66 16.46
CA GLU A 65 5.27 -7.97 17.29
C GLU A 65 4.05 -7.47 16.46
N ASP A 66 4.24 -7.24 15.16
CA ASP A 66 3.23 -6.76 14.22
C ASP A 66 2.81 -7.80 13.19
N ALA A 67 3.12 -9.10 13.41
CA ALA A 67 2.83 -10.16 12.44
C ALA A 67 1.37 -10.18 11.93
N TYR A 68 0.43 -9.87 12.83
CA TYR A 68 -1.01 -9.80 12.59
C TYR A 68 -1.40 -8.83 11.45
N LEU A 69 -0.58 -7.79 11.24
CA LEU A 69 -0.75 -6.74 10.25
C LEU A 69 -0.40 -7.25 8.85
N TYR A 70 0.48 -8.24 8.77
CA TYR A 70 0.95 -8.74 7.48
C TYR A 70 0.17 -9.87 6.89
N PHE A 71 -0.36 -10.76 7.73
CA PHE A 71 -1.04 -11.96 7.27
C PHE A 71 -2.18 -12.40 8.19
N PRO A 72 -3.21 -13.13 7.66
CA PRO A 72 -4.25 -13.70 8.57
C PRO A 72 -3.62 -14.80 9.43
N LYS A 73 -4.11 -14.96 10.68
CA LYS A 73 -3.60 -15.87 11.73
C LYS A 73 -2.93 -17.18 11.29
N GLY A 74 -3.56 -17.90 10.35
CA GLY A 74 -3.02 -19.14 9.79
C GLY A 74 -1.73 -18.93 9.04
N SER A 75 -1.74 -17.99 8.08
CA SER A 75 -0.62 -17.61 7.22
C SER A 75 0.63 -17.05 7.99
N VAL A 76 0.46 -16.50 9.22
CA VAL A 76 1.49 -15.87 10.06
C VAL A 76 2.82 -16.62 10.18
N GLY A 77 2.73 -17.94 10.33
CA GLY A 77 3.84 -18.87 10.45
C GLY A 77 4.88 -18.72 9.35
N ARG A 78 4.41 -18.41 8.12
CA ARG A 78 5.23 -18.20 6.92
C ARG A 78 6.32 -17.11 7.15
N LEU A 79 6.01 -16.08 7.97
CA LEU A 79 6.93 -14.99 8.30
C LEU A 79 8.15 -15.45 9.11
N ALA A 80 7.99 -16.56 9.90
CA ALA A 80 9.05 -17.15 10.74
C ALA A 80 9.82 -18.27 10.05
N GLN A 81 9.51 -18.56 8.80
CA GLN A 81 10.28 -19.57 8.04
C GLN A 81 11.58 -18.92 7.66
N THR A 82 12.68 -19.59 8.04
CA THR A 82 14.06 -19.09 7.96
C THR A 82 14.75 -19.09 6.58
N SER A 83 13.94 -18.91 5.53
CA SER A 83 14.37 -18.85 4.14
C SER A 83 15.25 -17.60 3.86
N GLY A 84 16.49 -17.86 3.45
CA GLY A 84 17.48 -16.81 3.18
C GLY A 84 18.09 -16.25 4.45
N VAL A 85 17.77 -16.83 5.61
CA VAL A 85 18.30 -16.37 6.89
C VAL A 85 19.62 -17.09 7.17
N ARG A 86 20.63 -16.33 7.61
CA ARG A 86 21.90 -16.93 8.00
C ARG A 86 22.48 -16.37 9.26
N LEU A 87 23.17 -17.22 10.01
CA LEU A 87 23.85 -16.84 11.24
C LEU A 87 25.36 -16.75 10.93
N HIS A 88 25.96 -15.56 11.16
CA HIS A 88 27.37 -15.34 10.92
C HIS A 88 28.11 -15.16 12.23
N LEU A 89 29.33 -15.69 12.29
CA LEU A 89 30.25 -15.57 13.41
C LEU A 89 31.66 -15.86 12.94
N ARG A 90 32.63 -15.19 13.51
CA ARG A 90 34.03 -15.48 13.23
C ARG A 90 34.55 -16.27 14.43
N THR A 91 35.21 -17.40 14.17
CA THR A 91 35.77 -18.27 15.20
C THR A 91 36.97 -19.07 14.72
N ASP A 92 37.85 -19.44 15.65
CA ASP A 92 38.96 -20.30 15.33
C ASP A 92 38.63 -21.78 15.71
N SER A 93 37.46 -22.00 16.32
CA SER A 93 37.01 -23.30 16.79
C SER A 93 36.95 -24.37 15.65
N PRO A 94 37.55 -25.57 15.85
CA PRO A 94 37.48 -26.60 14.79
C PRO A 94 36.11 -27.28 14.73
N TRP A 95 35.21 -26.96 15.68
CA TRP A 95 33.86 -27.55 15.72
C TRP A 95 32.81 -26.57 16.22
N LEU A 96 31.54 -26.86 15.94
CA LEU A 96 30.43 -26.09 16.46
C LEU A 96 29.25 -26.95 16.75
N ALA A 97 28.47 -26.52 17.72
CA ALA A 97 27.25 -27.23 18.10
C ALA A 97 26.14 -26.21 18.28
N VAL A 98 24.95 -26.54 17.81
CA VAL A 98 23.77 -25.67 17.91
C VAL A 98 22.62 -26.48 18.50
N ARG A 99 22.00 -25.97 19.57
CA ARG A 99 20.82 -26.52 20.20
C ARG A 99 19.63 -25.81 19.51
N TYR A 100 18.80 -26.60 18.82
CA TYR A 100 17.73 -26.08 18.00
C TYR A 100 16.42 -26.84 18.11
N GLU A 101 15.42 -26.29 17.43
CA GLU A 101 14.09 -26.86 17.25
C GLU A 101 13.64 -26.37 15.88
N ALA A 102 13.27 -27.31 14.99
CA ALA A 102 12.80 -26.99 13.64
C ALA A 102 11.36 -27.42 13.48
N VAL A 103 10.48 -26.46 13.23
CA VAL A 103 9.04 -26.73 13.10
C VAL A 103 8.60 -26.58 11.65
N GLY A 104 8.09 -27.67 11.09
CA GLY A 104 7.57 -27.70 9.75
C GLY A 104 6.15 -27.17 9.69
N PRO A 105 5.63 -26.82 8.49
CA PRO A 105 4.24 -26.33 8.38
C PRO A 105 3.21 -27.41 8.78
N LYS A 106 2.16 -26.99 9.54
CA LYS A 106 1.10 -27.88 10.02
C LYS A 106 0.21 -28.40 8.86
N PRO A 107 0.26 -29.72 8.50
CA PRO A 107 -0.56 -30.20 7.37
C PRO A 107 -2.00 -30.51 7.73
N LYS A 108 -2.94 -30.17 6.81
CA LYS A 108 -4.36 -30.49 6.94
C LYS A 108 -4.53 -31.99 6.64
N PRO A 109 -5.44 -32.74 7.32
CA PRO A 109 -5.53 -34.21 7.09
C PRO A 109 -5.65 -34.80 5.68
N GLY A 110 -4.45 -35.00 5.12
CA GLY A 110 -4.11 -35.55 3.82
C GLY A 110 -2.59 -35.63 3.81
N GLU A 111 -2.06 -36.13 4.95
CA GLU A 111 -0.67 -36.30 5.39
C GLU A 111 0.42 -36.59 4.34
N PRO A 112 1.57 -35.86 4.36
CA PRO A 112 2.68 -36.18 3.44
C PRO A 112 3.59 -37.28 4.02
N GLN A 113 4.87 -37.35 3.59
CA GLN A 113 5.85 -38.34 4.06
C GLN A 113 7.19 -37.71 4.41
N GLU A 117 10.51 -33.63 1.52
CA GLU A 117 11.24 -32.37 1.67
C GLU A 117 12.31 -32.42 2.81
N PRO A 118 13.57 -32.88 2.52
CA PRO A 118 14.60 -32.97 3.58
C PRO A 118 14.98 -31.64 4.25
N ALA A 119 15.02 -31.65 5.59
CA ALA A 119 15.36 -30.48 6.40
C ALA A 119 16.88 -30.31 6.47
N LEU A 120 17.42 -29.40 5.67
CA LEU A 120 18.87 -29.16 5.60
C LEU A 120 19.28 -27.79 6.13
N LEU A 121 20.48 -27.74 6.67
CA LEU A 121 21.14 -26.59 7.23
C LEU A 121 22.52 -26.64 6.58
N ASP A 122 22.94 -25.51 5.99
CA ASP A 122 24.25 -25.44 5.36
C ASP A 122 25.21 -24.71 6.26
N VAL A 123 26.45 -25.21 6.30
CA VAL A 123 27.56 -24.62 7.03
C VAL A 123 28.59 -24.18 5.97
N LEU A 124 28.75 -22.86 5.83
CA LEU A 124 29.73 -22.29 4.92
C LEU A 124 30.90 -21.77 5.72
N VAL A 125 32.11 -22.01 5.23
CA VAL A 125 33.34 -21.55 5.87
C VAL A 125 34.07 -20.71 4.84
N ASP A 126 34.20 -19.40 5.10
CA ASP A 126 34.80 -18.43 4.17
C ASP A 126 34.17 -18.53 2.76
N GLY A 127 32.84 -18.56 2.72
CA GLY A 127 32.04 -18.61 1.49
C GLY A 127 31.99 -19.94 0.77
N GLU A 128 32.58 -20.99 1.33
CA GLU A 128 32.59 -22.30 0.71
C GLU A 128 31.81 -23.27 1.54
N LEU A 129 30.96 -24.10 0.90
CA LEU A 129 30.14 -25.09 1.59
C LEU A 129 31.01 -26.16 2.24
N ALA A 130 30.93 -26.27 3.57
CA ALA A 130 31.72 -27.21 4.38
C ALA A 130 30.91 -28.41 4.81
N ARG A 131 29.62 -28.20 5.13
CA ARG A 131 28.74 -29.27 5.61
C ARG A 131 27.28 -28.97 5.36
N THR A 132 26.57 -29.96 4.83
CA THR A 132 25.12 -29.93 4.70
C THR A 132 24.69 -30.87 5.84
N VAL A 133 23.88 -30.37 6.77
CA VAL A 133 23.44 -31.10 7.97
C VAL A 133 21.96 -31.43 7.85
N GLU A 134 21.59 -32.69 8.13
CA GLU A 134 20.18 -33.10 8.09
C GLU A 134 19.58 -32.82 9.46
N LEU A 135 18.51 -32.03 9.52
CA LEU A 135 17.88 -31.65 10.77
C LEU A 135 16.79 -32.61 11.29
N LYS A 136 16.65 -32.69 12.62
CA LYS A 136 15.59 -33.44 13.29
C LYS A 136 14.41 -32.47 13.46
N LEU A 137 13.19 -32.92 13.11
CA LEU A 137 11.99 -32.07 13.19
C LEU A 137 11.23 -32.18 14.49
N ASP A 138 10.55 -31.08 14.88
CA ASP A 138 9.65 -30.93 16.04
C ASP A 138 10.20 -31.54 17.34
N ALA A 139 11.47 -31.22 17.62
CA ALA A 139 12.17 -31.74 18.78
C ALA A 139 13.28 -30.79 19.21
N ASP A 140 13.56 -30.78 20.52
CA ASP A 140 14.64 -30.03 21.14
C ASP A 140 15.88 -30.89 20.81
N ALA A 141 16.62 -30.50 19.75
CA ALA A 141 17.75 -31.28 19.23
C ALA A 141 19.07 -30.53 19.22
N GLU A 142 20.15 -31.28 18.98
CA GLU A 142 21.50 -30.73 18.93
C GLU A 142 22.21 -31.17 17.67
N LEU A 143 22.70 -30.19 16.95
CA LEU A 143 23.42 -30.27 15.69
C LEU A 143 24.90 -30.19 16.06
N HIS A 144 25.73 -31.06 15.51
CA HIS A 144 27.16 -31.02 15.80
C HIS A 144 27.95 -31.13 14.53
N VAL A 145 28.71 -30.08 14.22
CA VAL A 145 29.55 -30.02 13.04
C VAL A 145 30.99 -30.02 13.53
N ASP A 146 31.65 -31.14 13.34
CA ASP A 146 33.04 -31.29 13.73
C ASP A 146 33.85 -31.25 12.47
N GLY A 147 35.14 -31.12 12.62
CA GLY A 147 36.05 -31.12 11.49
C GLY A 147 35.95 -29.94 10.56
N LEU A 148 35.88 -28.73 11.13
CA LEU A 148 35.90 -27.49 10.38
C LEU A 148 37.37 -27.07 10.36
N PRO A 149 37.82 -26.24 9.37
CA PRO A 149 39.21 -25.80 9.38
C PRO A 149 39.64 -25.13 10.68
N ALA A 150 40.91 -25.32 11.05
CA ALA A 150 41.46 -24.68 12.23
C ALA A 150 41.82 -23.24 11.83
N GLY A 151 41.90 -22.36 12.82
CA GLY A 151 42.26 -20.97 12.54
C GLY A 151 41.04 -20.10 12.35
N ASP A 152 41.26 -18.77 12.43
CA ASP A 152 40.19 -17.79 12.27
C ASP A 152 39.53 -17.91 10.89
N LYS A 153 38.20 -17.88 10.89
CA LYS A 153 37.40 -18.03 9.68
C LYS A 153 36.01 -17.50 9.89
N LEU A 154 35.34 -17.12 8.79
CA LEU A 154 33.94 -16.70 8.88
C LEU A 154 33.06 -17.94 8.73
N VAL A 155 32.17 -18.16 9.71
CA VAL A 155 31.22 -19.26 9.71
C VAL A 155 29.82 -18.75 9.40
N GLU A 156 29.18 -19.27 8.33
CA GLU A 156 27.81 -18.87 7.99
C GLU A 156 26.96 -20.12 8.08
N LEU A 157 25.93 -20.05 8.91
CA LEU A 157 24.94 -21.12 9.07
C LEU A 157 23.70 -20.66 8.29
N TRP A 158 23.45 -21.28 7.12
CA TRP A 158 22.30 -20.97 6.30
C TRP A 158 21.17 -21.84 6.76
N LEU A 159 20.24 -21.21 7.43
CA LEU A 159 19.08 -21.83 8.07
C LEU A 159 18.12 -22.47 7.06
N PRO A 160 17.36 -23.52 7.45
CA PRO A 160 16.44 -24.18 6.52
C PRO A 160 15.40 -23.26 5.89
N THR A 161 15.06 -23.57 4.64
CA THR A 161 14.18 -22.79 3.77
C THR A 161 12.67 -22.88 3.93
N LEU A 162 12.12 -24.06 4.29
CA LEU A 162 10.66 -24.19 4.40
C LEU A 162 10.20 -24.52 5.84
N LEU A 163 11.00 -24.11 6.83
CA LEU A 163 10.81 -24.41 8.23
C LEU A 163 11.00 -23.21 9.12
N GLN A 164 10.39 -23.25 10.30
CA GLN A 164 10.64 -22.29 11.36
C GLN A 164 11.81 -22.90 12.16
N PHE A 165 12.87 -22.15 12.36
CA PHE A 165 14.06 -22.64 13.06
C PHE A 165 14.35 -21.76 14.27
N ARG A 166 14.44 -22.36 15.47
CA ARG A 166 14.71 -21.62 16.72
C ARG A 166 16.02 -22.12 17.30
N LEU A 167 16.77 -21.28 18.02
CA LEU A 167 18.05 -21.69 18.64
C LEU A 167 17.95 -21.43 20.13
N ALA A 168 18.69 -22.20 20.90
CA ALA A 168 18.79 -22.00 22.34
C ALA A 168 20.25 -21.79 22.77
N GLU A 169 21.21 -22.33 21.99
CA GLU A 169 22.64 -22.26 22.35
C GLU A 169 23.54 -22.56 21.16
N VAL A 170 24.73 -21.97 21.19
CA VAL A 170 25.82 -22.23 20.25
C VAL A 170 26.99 -22.67 21.14
N ARG A 171 27.62 -23.77 20.77
CA ARG A 171 28.77 -24.23 21.54
C ARG A 171 29.99 -24.32 20.65
N LEU A 172 31.14 -23.98 21.21
CA LEU A 172 32.43 -23.98 20.51
C LEU A 172 33.47 -24.59 21.45
N GLU A 173 34.68 -24.87 20.89
CA GLU A 173 35.80 -25.42 21.63
C GLU A 173 36.16 -24.47 22.78
N ALA A 174 36.62 -25.02 23.91
CA ALA A 174 37.06 -24.19 25.05
C ALA A 174 38.25 -23.33 24.59
N GLY A 175 38.28 -22.08 25.02
CA GLY A 175 39.35 -21.17 24.63
C GLY A 175 39.28 -20.66 23.21
N ALA A 176 38.23 -21.03 22.44
CA ALA A 176 38.08 -20.55 21.08
C ALA A 176 37.67 -19.06 21.08
N THR A 177 38.17 -18.31 20.07
CA THR A 177 37.88 -16.90 19.85
C THR A 177 36.45 -16.76 19.28
N LEU A 178 35.82 -15.62 19.53
CA LEU A 178 34.50 -15.34 19.01
C LEU A 178 34.49 -13.88 18.64
N GLU A 179 34.32 -13.59 17.35
CA GLU A 179 34.32 -12.21 16.85
C GLU A 179 33.15 -11.95 15.96
N LYS A 180 32.73 -10.68 15.89
CA LYS A 180 31.64 -10.26 15.01
C LYS A 180 32.17 -10.22 13.57
N ASP A 181 31.34 -10.64 12.60
CA ASP A 181 31.66 -10.51 11.20
C ASP A 181 31.33 -9.04 10.89
N THR A 182 32.36 -8.23 10.62
CA THR A 182 32.18 -6.80 10.36
C THR A 182 31.99 -6.41 8.88
N SER A 183 31.88 -7.40 7.97
CA SER A 183 31.60 -7.15 6.54
C SER A 183 30.36 -6.26 6.35
N SER A 184 30.46 -5.34 5.40
CA SER A 184 29.38 -4.42 5.05
C SER A 184 29.04 -4.52 3.57
N LYS A 185 28.46 -5.67 3.19
CA LYS A 185 28.04 -5.96 1.84
C LYS A 185 26.80 -5.14 1.52
N PRO A 186 26.62 -4.76 0.22
CA PRO A 186 25.39 -4.03 -0.14
C PRO A 186 24.16 -4.91 0.11
N HIS A 187 23.06 -4.29 0.51
CA HIS A 187 21.84 -5.02 0.82
C HIS A 187 21.00 -5.26 -0.40
N TRP A 188 20.56 -6.51 -0.55
CA TRP A 188 19.67 -6.88 -1.62
C TRP A 188 18.36 -7.42 -1.09
N ILE A 189 17.26 -6.65 -1.32
CA ILE A 189 15.91 -7.06 -0.94
C ILE A 189 15.20 -7.65 -2.15
N HIS A 190 14.70 -8.89 -2.01
CA HIS A 190 13.92 -9.52 -3.08
C HIS A 190 12.51 -9.80 -2.55
N TYR A 191 11.49 -9.31 -3.28
CA TYR A 191 10.08 -9.50 -2.95
C TYR A 191 9.33 -10.15 -4.11
N GLY A 192 8.40 -11.02 -3.81
CA GLY A 192 7.55 -11.60 -4.84
C GLY A 192 7.69 -13.08 -5.11
N ASP A 193 7.18 -13.49 -6.28
CA ASP A 193 7.10 -14.86 -6.82
C ASP A 193 5.91 -15.65 -6.25
N SER A 194 5.43 -16.60 -7.02
CA SER A 194 4.28 -17.42 -6.63
C SER A 194 4.68 -18.78 -6.05
N ILE A 195 6.00 -19.03 -5.97
CA ILE A 195 6.57 -20.27 -5.43
C ILE A 195 7.57 -20.10 -4.31
N CYS A 196 7.68 -21.14 -3.47
CA CYS A 196 8.67 -21.22 -2.41
C CYS A 196 9.98 -21.53 -3.10
N HIS A 197 10.99 -20.73 -2.79
CA HIS A 197 12.30 -20.85 -3.41
C HIS A 197 13.19 -21.95 -2.89
N GLY A 198 12.84 -22.52 -1.74
CA GLY A 198 13.62 -23.61 -1.17
C GLY A 198 13.43 -24.91 -1.90
N ARG A 199 12.28 -25.04 -2.61
CA ARG A 199 11.90 -26.22 -3.34
C ARG A 199 12.78 -26.51 -4.57
N GLY A 200 13.34 -27.72 -4.59
CA GLY A 200 14.21 -28.20 -5.66
C GLY A 200 15.66 -27.79 -5.51
N ALA A 201 15.96 -26.84 -4.61
CA ALA A 201 17.35 -26.46 -4.40
C ALA A 201 18.10 -27.61 -3.69
N ALA A 202 19.38 -27.77 -4.03
CA ALA A 202 20.23 -28.83 -3.46
C ALA A 202 20.30 -28.70 -1.92
N SER A 203 20.40 -27.46 -1.43
CA SER A 203 20.48 -27.15 0.00
C SER A 203 20.22 -25.64 0.21
N PRO A 204 20.04 -25.11 1.46
CA PRO A 204 19.71 -23.65 1.60
C PRO A 204 20.63 -22.60 0.97
N SER A 205 21.95 -22.89 0.89
CA SER A 205 22.90 -21.96 0.30
C SER A 205 22.92 -22.12 -1.22
N ARG A 206 22.08 -23.04 -1.74
CA ARG A 206 22.05 -23.30 -3.16
C ARG A 206 20.73 -23.01 -3.87
N THR A 207 19.92 -22.08 -3.29
CA THR A 207 18.70 -21.60 -3.94
C THR A 207 19.20 -20.59 -4.98
N TRP A 208 18.37 -20.22 -5.97
CA TRP A 208 18.81 -19.25 -6.96
C TRP A 208 19.20 -17.95 -6.27
N LEU A 209 18.40 -17.52 -5.27
CA LEU A 209 18.62 -16.31 -4.47
C LEU A 209 19.96 -16.34 -3.75
N ALA A 210 20.25 -17.44 -3.06
CA ALA A 210 21.49 -17.65 -2.33
C ALA A 210 22.70 -17.62 -3.28
N LEU A 211 22.62 -18.36 -4.41
CA LEU A 211 23.66 -18.43 -5.43
C LEU A 211 23.89 -17.08 -6.09
N ALA A 212 22.81 -16.35 -6.40
CA ALA A 212 22.91 -15.04 -7.04
C ALA A 212 23.57 -14.04 -6.07
N ALA A 213 23.16 -14.00 -4.79
CA ALA A 213 23.72 -13.11 -3.76
C ALA A 213 25.19 -13.39 -3.50
N ARG A 214 25.54 -14.67 -3.37
CA ARG A 214 26.92 -15.09 -3.11
C ARG A 214 27.85 -14.73 -4.26
N ALA A 215 27.39 -14.93 -5.51
CA ALA A 215 28.22 -14.61 -6.67
C ALA A 215 28.41 -13.10 -6.81
N GLU A 216 27.40 -12.33 -6.37
CA GLU A 216 27.45 -10.87 -6.47
C GLU A 216 28.05 -10.17 -5.27
N GLY A 217 28.19 -10.85 -4.12
CA GLY A 217 28.70 -10.25 -2.88
C GLY A 217 27.63 -9.39 -2.22
N LEU A 218 26.36 -9.86 -2.23
CA LEU A 218 25.24 -9.13 -1.66
C LEU A 218 24.72 -9.73 -0.38
N ASP A 219 24.28 -8.88 0.53
CA ASP A 219 23.64 -9.29 1.77
C ASP A 219 22.12 -9.41 1.47
N LEU A 220 21.69 -10.63 1.20
CA LEU A 220 20.32 -10.97 0.88
C LEU A 220 19.32 -10.81 2.03
N GLN A 221 18.12 -10.41 1.65
CA GLN A 221 16.94 -10.34 2.48
C GLN A 221 15.74 -10.73 1.60
N SER A 222 15.20 -11.91 1.85
CA SER A 222 14.06 -12.45 1.12
C SER A 222 12.78 -12.07 1.83
N LEU A 223 11.85 -11.53 1.08
CA LEU A 223 10.50 -11.21 1.51
C LEU A 223 9.56 -11.91 0.52
N SER A 224 10.00 -13.09 0.07
CA SER A 224 9.29 -14.03 -0.80
C SER A 224 8.51 -14.98 0.11
N PHE A 225 7.17 -14.94 0.05
CA PHE A 225 6.38 -15.83 0.89
C PHE A 225 5.36 -16.60 0.04
N ALA A 226 5.81 -17.02 -1.19
CA ALA A 226 5.02 -17.71 -2.24
C ALA A 226 3.83 -16.82 -2.69
N ALA A 227 2.83 -17.34 -3.43
CA ALA A 227 1.70 -16.57 -3.98
C ALA A 227 1.02 -15.56 -3.04
N ASP A 228 0.55 -16.03 -1.86
CA ASP A 228 -0.14 -15.18 -0.88
C ASP A 228 0.57 -13.90 -0.48
N GLY A 229 1.90 -13.96 -0.31
CA GLY A 229 2.69 -12.79 0.07
C GLY A 229 3.10 -11.86 -1.06
N SER A 230 2.75 -12.19 -2.31
CA SER A 230 3.12 -11.43 -3.50
C SER A 230 1.95 -10.68 -4.19
N HIS A 231 1.01 -10.14 -3.38
CA HIS A 231 -0.18 -9.41 -3.84
C HIS A 231 -0.01 -7.88 -3.74
N LEU A 232 1.24 -7.40 -3.60
CA LEU A 232 1.53 -5.97 -3.46
C LEU A 232 0.88 -5.31 -2.27
N GLN A 233 0.76 -6.08 -1.15
CA GLN A 233 0.25 -5.64 0.14
C GLN A 233 1.03 -4.41 0.58
N PRO A 234 0.35 -3.27 0.83
CA PRO A 234 1.10 -2.06 1.27
C PRO A 234 1.99 -2.25 2.51
N MET A 235 1.65 -3.18 3.42
CA MET A 235 2.48 -3.49 4.59
C MET A 235 3.91 -3.99 4.18
N PHE A 236 4.01 -4.74 3.07
CA PHE A 236 5.30 -5.24 2.57
C PHE A 236 6.14 -4.11 1.99
N ALA A 237 5.48 -3.14 1.30
CA ALA A 237 6.13 -1.95 0.73
C ALA A 237 6.70 -1.10 1.88
N ARG A 238 5.92 -0.95 2.99
CA ARG A 238 6.34 -0.22 4.20
C ARG A 238 7.56 -0.92 4.83
N LEU A 239 7.56 -2.27 4.85
CA LEU A 239 8.65 -3.08 5.36
C LEU A 239 9.92 -2.83 4.53
N ILE A 240 9.82 -2.95 3.20
CA ILE A 240 10.93 -2.70 2.29
C ILE A 240 11.50 -1.30 2.51
N ARG A 241 10.61 -0.29 2.59
CA ARG A 241 10.96 1.11 2.82
C ARG A 241 11.76 1.28 4.12
N ASP A 242 11.37 0.54 5.19
CA ASP A 242 11.99 0.64 6.50
C ASP A 242 13.22 -0.27 6.69
N LEU A 243 13.60 -1.02 5.68
CA LEU A 243 14.75 -1.93 5.67
C LEU A 243 15.94 -1.30 4.92
N PRO A 244 17.23 -1.58 5.29
CA PRO A 244 18.35 -1.03 4.47
C PRO A 244 18.38 -1.76 3.11
N ALA A 245 18.66 -1.00 2.02
CA ALA A 245 18.67 -1.59 0.68
C ALA A 245 19.51 -0.84 -0.29
N ASP A 246 20.31 -1.59 -1.03
CA ASP A 246 21.17 -1.02 -2.07
C ASP A 246 20.67 -1.49 -3.42
N LEU A 247 19.82 -2.53 -3.45
CA LEU A 247 19.19 -3.13 -4.64
C LEU A 247 17.87 -3.74 -4.19
N ILE A 248 16.77 -3.38 -4.87
CA ILE A 248 15.45 -3.92 -4.60
C ILE A 248 14.89 -4.57 -5.86
N SER A 249 14.41 -5.81 -5.74
CA SER A 249 13.78 -6.49 -6.87
C SER A 249 12.45 -7.01 -6.44
N LEU A 250 11.42 -6.72 -7.25
CA LEU A 250 10.02 -7.10 -7.04
C LEU A 250 9.52 -7.91 -8.23
N ARG A 251 9.03 -9.11 -8.00
CA ARG A 251 8.43 -9.89 -9.09
C ARG A 251 7.00 -10.20 -8.77
N VAL A 252 6.10 -9.63 -9.53
CA VAL A 252 4.65 -9.75 -9.29
C VAL A 252 3.85 -9.99 -10.56
N GLY A 253 2.55 -10.28 -10.42
CA GLY A 253 1.65 -10.53 -11.52
C GLY A 253 0.81 -11.80 -11.35
N THR A 254 1.43 -12.97 -11.55
CA THR A 254 0.82 -14.30 -11.49
C THR A 254 0.08 -14.66 -10.23
N SER A 255 0.64 -14.37 -9.08
CA SER A 255 0.00 -14.59 -7.77
C SER A 255 -1.41 -13.95 -7.72
N ASN A 256 -1.58 -12.75 -8.32
CA ASN A 256 -2.88 -12.08 -8.39
C ASN A 256 -3.77 -12.79 -9.40
N PHE A 257 -3.18 -13.23 -10.54
CA PHE A 257 -3.87 -13.97 -11.60
C PHE A 257 -4.45 -15.28 -11.04
N MET A 258 -3.67 -15.98 -10.19
CA MET A 258 -4.02 -17.26 -9.54
C MET A 258 -5.33 -17.19 -8.73
N ASP A 259 -5.73 -15.96 -8.30
CA ASP A 259 -6.96 -15.72 -7.53
C ASP A 259 -8.06 -15.17 -8.40
N GLY A 260 -7.72 -14.88 -9.65
CA GLY A 260 -8.61 -14.34 -10.69
C GLY A 260 -9.12 -12.95 -10.41
N ASP A 261 -8.55 -12.34 -9.39
CA ASP A 261 -8.94 -11.05 -8.84
C ASP A 261 -7.69 -10.21 -8.59
N GLY A 262 -7.79 -8.93 -8.93
CA GLY A 262 -6.71 -7.98 -8.72
C GLY A 262 -6.23 -7.23 -9.93
N PHE A 263 -6.73 -7.54 -11.14
CA PHE A 263 -6.25 -6.88 -12.38
C PHE A 263 -6.51 -5.37 -12.50
N VAL A 264 -7.72 -4.93 -12.20
CA VAL A 264 -8.11 -3.50 -12.30
C VAL A 264 -7.24 -2.62 -11.37
N ASP A 265 -7.02 -3.06 -10.13
CA ASP A 265 -6.24 -2.31 -9.15
C ASP A 265 -4.76 -2.47 -9.29
N PHE A 266 -4.32 -3.48 -10.03
CA PHE A 266 -2.92 -3.83 -10.21
C PHE A 266 -1.97 -2.64 -10.53
N PRO A 267 -2.19 -1.85 -11.62
CA PRO A 267 -1.28 -0.72 -11.88
C PRO A 267 -1.21 0.28 -10.74
N ALA A 268 -2.35 0.63 -10.12
CA ALA A 268 -2.40 1.57 -8.99
C ALA A 268 -1.67 1.00 -7.77
N ASN A 269 -1.84 -0.31 -7.50
CA ASN A 269 -1.17 -0.97 -6.39
C ASN A 269 0.33 -1.02 -6.56
N LEU A 270 0.80 -1.22 -7.81
CA LEU A 270 2.22 -1.27 -8.15
C LEU A 270 2.87 0.11 -8.06
N VAL A 271 2.21 1.13 -8.63
CA VAL A 271 2.66 2.53 -8.56
C VAL A 271 2.78 2.91 -7.06
N GLY A 272 1.70 2.67 -6.30
CA GLY A 272 1.65 2.93 -4.86
C GLY A 272 2.75 2.23 -4.11
N PHE A 273 2.99 0.95 -4.45
CA PHE A 273 4.04 0.12 -3.85
C PHE A 273 5.44 0.75 -3.97
N VAL A 274 5.82 1.17 -5.20
CA VAL A 274 7.12 1.81 -5.49
C VAL A 274 7.23 3.16 -4.76
N GLN A 275 6.16 4.00 -4.80
CA GLN A 275 6.14 5.31 -4.16
C GLN A 275 6.42 5.26 -2.67
N ILE A 276 5.88 4.22 -1.97
CA ILE A 276 6.09 4.01 -0.53
C ILE A 276 7.58 3.73 -0.30
N ILE A 277 8.18 2.86 -1.11
CA ILE A 277 9.61 2.48 -1.01
C ILE A 277 10.50 3.73 -1.21
N ARG A 278 10.14 4.55 -2.23
CA ARG A 278 10.86 5.75 -2.63
C ARG A 278 10.92 6.83 -1.56
N GLU A 279 10.04 6.78 -0.54
CA GLU A 279 10.06 7.75 0.55
C GLU A 279 11.39 7.67 1.30
N ARG A 280 11.94 6.43 1.49
CA ARG A 280 13.21 6.18 2.20
C ARG A 280 14.35 5.67 1.31
N HIS A 281 14.05 5.21 0.08
CA HIS A 281 15.03 4.76 -0.91
C HIS A 281 14.78 5.58 -2.20
N PRO A 282 15.13 6.89 -2.22
CA PRO A 282 14.82 7.70 -3.42
C PRO A 282 15.60 7.39 -4.68
N LEU A 283 16.83 6.87 -4.54
CA LEU A 283 17.74 6.61 -5.67
C LEU A 283 18.14 5.15 -5.85
N THR A 284 17.75 4.29 -4.90
CA THR A 284 18.05 2.87 -4.93
C THR A 284 17.48 2.22 -6.19
N PRO A 285 18.28 1.39 -6.92
CA PRO A 285 17.72 0.70 -8.10
C PRO A 285 16.60 -0.26 -7.70
N ILE A 286 15.41 -0.04 -8.29
CA ILE A 286 14.23 -0.88 -8.09
C ILE A 286 13.99 -1.59 -9.42
N VAL A 287 14.01 -2.92 -9.36
CA VAL A 287 13.80 -3.77 -10.51
C VAL A 287 12.41 -4.33 -10.44
N LEU A 288 11.60 -3.91 -11.39
CA LEU A 288 10.20 -4.31 -11.56
C LEU A 288 10.14 -5.50 -12.49
N GLY A 289 9.95 -6.65 -11.88
CA GLY A 289 9.95 -7.91 -12.59
C GLY A 289 8.56 -8.42 -12.91
N SER A 290 8.33 -8.76 -14.17
CA SER A 290 7.09 -9.39 -14.56
C SER A 290 7.29 -10.84 -14.20
N SER A 291 6.21 -11.54 -13.96
CA SER A 291 6.30 -12.95 -13.62
C SER A 291 7.07 -13.82 -14.65
N VAL A 292 7.82 -14.74 -14.09
CA VAL A 292 8.58 -15.77 -14.79
C VAL A 292 7.55 -16.72 -15.51
N TYR A 293 7.97 -17.44 -16.54
CA TYR A 293 7.06 -18.34 -17.23
C TYR A 293 6.64 -19.54 -16.34
N SER A 294 5.33 -19.74 -16.24
CA SER A 294 4.75 -20.87 -15.52
C SER A 294 4.07 -21.82 -16.55
N PRO A 295 4.52 -23.07 -16.68
CA PRO A 295 3.88 -23.98 -17.65
C PRO A 295 2.37 -24.16 -17.41
N PHE A 296 1.95 -24.17 -16.11
CA PHE A 296 0.52 -24.29 -15.77
C PHE A 296 -0.27 -23.00 -16.07
N TRP A 297 0.04 -21.92 -15.34
CA TRP A 297 -0.65 -20.62 -15.35
C TRP A 297 -0.68 -19.84 -16.65
N ASP A 298 0.46 -19.76 -17.37
CA ASP A 298 0.57 -19.05 -18.66
C ASP A 298 -0.27 -19.73 -19.75
N GLU A 299 -0.49 -21.05 -19.62
CA GLU A 299 -1.18 -21.83 -20.64
C GLU A 299 -2.69 -22.07 -20.48
N LEU A 300 -3.28 -21.55 -19.40
CA LEU A 300 -4.71 -21.65 -19.11
C LEU A 300 -5.53 -20.93 -20.17
N PRO A 301 -6.72 -21.46 -20.54
CA PRO A 301 -7.55 -20.78 -21.56
C PRO A 301 -8.09 -19.45 -21.00
N ALA A 302 -7.96 -18.35 -21.79
CA ALA A 302 -8.32 -16.97 -21.45
C ALA A 302 -9.63 -16.76 -20.68
N ASP A 303 -10.74 -17.42 -21.13
CA ASP A 303 -12.11 -17.33 -20.56
C ASP A 303 -12.53 -15.86 -20.31
N ASP A 304 -12.34 -14.97 -21.31
CA ASP A 304 -12.60 -13.51 -21.23
C ASP A 304 -12.32 -12.91 -19.82
N LYS A 305 -11.20 -13.36 -19.25
CA LYS A 305 -10.71 -13.01 -17.93
C LYS A 305 -9.22 -12.65 -18.17
N PRO A 306 -8.65 -11.64 -17.46
CA PRO A 306 -7.23 -11.32 -17.68
C PRO A 306 -6.28 -12.51 -17.58
N THR A 307 -5.24 -12.49 -18.41
CA THR A 307 -4.24 -13.55 -18.50
C THR A 307 -2.94 -13.11 -17.82
N VAL A 308 -1.99 -14.04 -17.69
CA VAL A 308 -0.65 -13.80 -17.15
C VAL A 308 0.06 -12.74 -18.04
N ALA A 309 -0.10 -12.85 -19.37
CA ALA A 309 0.45 -11.90 -20.34
C ALA A 309 -0.03 -10.47 -20.07
N ASP A 310 -1.33 -10.31 -19.73
CA ASP A 310 -1.99 -9.04 -19.37
C ASP A 310 -1.34 -8.39 -18.16
N TYR A 311 -0.99 -9.20 -17.15
CA TYR A 311 -0.32 -8.71 -15.93
C TYR A 311 1.08 -8.24 -16.25
N ARG A 312 1.82 -9.00 -17.09
CA ARG A 312 3.20 -8.68 -17.53
C ARG A 312 3.22 -7.35 -18.24
N GLU A 313 2.21 -7.09 -19.13
CA GLU A 313 2.10 -5.83 -19.85
C GLU A 313 1.89 -4.59 -18.91
N GLN A 314 1.22 -4.78 -17.74
CA GLN A 314 1.01 -3.71 -16.72
C GLN A 314 2.31 -3.38 -16.00
N VAL A 315 3.15 -4.41 -15.69
CA VAL A 315 4.44 -4.22 -15.03
C VAL A 315 5.27 -3.31 -15.94
N VAL A 316 5.26 -3.61 -17.27
CA VAL A 316 5.93 -2.83 -18.30
C VAL A 316 5.42 -1.39 -18.30
N LYS A 317 4.09 -1.20 -18.34
CA LYS A 317 3.48 0.13 -18.41
C LYS A 317 3.82 1.01 -17.23
N VAL A 318 3.79 0.45 -16.00
CA VAL A 318 4.09 1.18 -14.76
C VAL A 318 5.57 1.62 -14.73
N ALA A 319 6.46 0.72 -15.16
CA ALA A 319 7.90 0.98 -15.23
C ALA A 319 8.16 2.14 -16.20
N GLU A 320 7.51 2.15 -17.37
CA GLU A 320 7.65 3.21 -18.35
C GLU A 320 7.07 4.53 -17.79
N LEU A 321 5.93 4.46 -17.09
CA LEU A 321 5.26 5.62 -16.50
C LEU A 321 6.13 6.29 -15.43
N LEU A 322 6.70 5.50 -14.50
CA LEU A 322 7.58 5.99 -13.45
C LEU A 322 8.85 6.65 -14.03
N ARG A 323 9.45 5.98 -15.04
CA ARG A 323 10.64 6.44 -15.77
C ARG A 323 10.35 7.77 -16.50
N LYS A 324 9.25 7.83 -17.30
CA LYS A 324 8.81 8.99 -18.10
C LYS A 324 8.67 10.26 -17.23
N HIS A 325 8.17 10.10 -16.01
CA HIS A 325 8.00 11.22 -15.13
C HIS A 325 9.16 11.44 -14.12
N GLY A 326 10.37 11.01 -14.48
CA GLY A 326 11.57 11.31 -13.70
C GLY A 326 12.31 10.26 -12.91
N ASP A 327 11.76 9.04 -12.72
CA ASP A 327 12.47 8.04 -11.93
C ASP A 327 13.49 7.30 -12.78
N GLN A 328 14.76 7.70 -12.64
CA GLN A 328 15.90 7.14 -13.37
C GLN A 328 16.37 5.82 -12.80
N ASN A 329 15.85 5.45 -11.62
CA ASN A 329 16.25 4.23 -10.95
C ASN A 329 15.21 3.12 -10.87
N VAL A 330 14.20 3.16 -11.74
CA VAL A 330 13.19 2.11 -11.86
C VAL A 330 13.47 1.40 -13.19
N HIS A 331 13.50 0.05 -13.18
CA HIS A 331 13.85 -0.73 -14.38
C HIS A 331 12.95 -1.91 -14.54
N TYR A 332 12.67 -2.27 -15.80
CA TYR A 332 11.85 -3.43 -16.07
C TYR A 332 12.69 -4.67 -16.36
N LEU A 333 12.39 -5.77 -15.69
CA LEU A 333 13.02 -7.09 -15.88
C LEU A 333 11.97 -8.05 -16.40
N ASP A 334 12.15 -8.49 -17.65
CA ASP A 334 11.23 -9.42 -18.30
C ASP A 334 11.48 -10.82 -17.72
N GLY A 335 10.47 -11.38 -17.03
CA GLY A 335 10.53 -12.72 -16.43
C GLY A 335 10.72 -13.84 -17.46
N MET A 336 10.25 -13.62 -18.70
CA MET A 336 10.41 -14.51 -19.85
C MET A 336 11.88 -14.51 -20.27
N ARG A 337 12.64 -13.43 -19.98
CA ARG A 337 14.09 -13.40 -20.26
C ARG A 337 14.83 -14.12 -19.14
N VAL A 338 14.34 -14.00 -17.89
CA VAL A 338 14.94 -14.70 -16.76
C VAL A 338 14.63 -16.22 -16.81
N TRP A 339 13.36 -16.58 -16.99
CA TRP A 339 12.95 -17.96 -17.03
C TRP A 339 11.74 -18.09 -17.98
N GLY A 340 12.01 -18.34 -19.25
CA GLY A 340 10.96 -18.42 -20.26
C GLY A 340 10.50 -19.81 -20.66
N PRO A 341 9.65 -19.87 -21.73
CA PRO A 341 9.12 -21.16 -22.20
C PRO A 341 10.14 -22.12 -22.81
N GLU A 342 11.29 -21.58 -23.24
CA GLU A 342 12.40 -22.33 -23.82
C GLU A 342 13.16 -23.18 -22.77
N ARG A 343 12.84 -22.98 -21.48
CA ARG A 343 13.42 -23.74 -20.38
C ARG A 343 12.80 -25.13 -20.37
N GLY A 344 13.62 -26.12 -20.70
CA GLY A 344 13.20 -27.51 -20.79
C GLY A 344 12.92 -28.22 -19.49
N MET A 345 12.34 -29.42 -19.60
CA MET A 345 12.00 -30.29 -18.48
C MET A 345 13.23 -30.70 -17.66
N GLU A 346 14.41 -30.73 -18.30
CA GLU A 346 15.70 -31.05 -17.66
C GLU A 346 16.03 -30.11 -16.48
N LEU A 347 15.42 -28.90 -16.46
CA LEU A 347 15.62 -27.89 -15.43
C LEU A 347 14.49 -27.86 -14.40
N TYR A 348 13.50 -28.75 -14.52
CA TYR A 348 12.41 -28.82 -13.54
C TYR A 348 12.51 -30.03 -12.65
N LEU A 349 12.07 -29.85 -11.40
CA LEU A 349 12.05 -30.86 -10.35
C LEU A 349 10.95 -31.92 -10.55
N GLU A 350 9.68 -31.49 -10.73
CA GLU A 350 8.47 -32.35 -10.81
C GLU A 350 8.51 -33.44 -11.88
N LYS A 351 8.13 -34.66 -11.46
CA LYS A 351 8.05 -35.86 -12.30
C LYS A 351 6.89 -35.74 -13.34
N PRO A 352 6.98 -36.42 -14.53
CA PRO A 352 5.94 -36.30 -15.57
C PRO A 352 4.46 -36.19 -15.20
N ASP A 353 3.98 -37.01 -14.23
CA ASP A 353 2.59 -37.01 -13.78
C ASP A 353 2.14 -35.75 -12.98
N LYS A 354 3.04 -34.76 -12.80
CA LYS A 354 2.81 -33.49 -12.09
C LYS A 354 3.14 -32.32 -13.03
N TYR A 355 2.66 -31.11 -12.68
CA TYR A 355 2.92 -29.93 -13.50
C TYR A 355 4.28 -29.35 -13.13
N PRO A 356 5.21 -29.15 -14.11
CA PRO A 356 6.53 -28.57 -13.76
C PRO A 356 6.33 -27.16 -13.19
N THR A 357 6.71 -26.99 -11.93
CA THR A 357 6.53 -25.72 -11.24
C THR A 357 7.82 -25.17 -10.61
N HIS A 358 8.68 -26.08 -10.11
CA HIS A 358 9.92 -25.73 -9.42
C HIS A 358 11.19 -26.11 -10.17
N PRO A 359 12.25 -25.26 -10.18
CA PRO A 359 13.52 -25.67 -10.78
C PRO A 359 14.22 -26.72 -9.90
N ASN A 360 15.02 -27.60 -10.52
CA ASN A 360 15.78 -28.61 -9.79
C ASN A 360 17.11 -27.95 -9.35
N ALA A 361 18.06 -28.72 -8.77
CA ALA A 361 19.34 -28.14 -8.33
C ALA A 361 20.07 -27.38 -9.49
N VAL A 362 20.17 -27.96 -10.72
CA VAL A 362 20.79 -27.30 -11.87
C VAL A 362 19.94 -26.07 -12.28
N GLY A 363 18.61 -26.24 -12.28
CA GLY A 363 17.65 -25.17 -12.57
C GLY A 363 17.83 -23.93 -11.72
N HIS A 364 18.10 -24.11 -10.40
CA HIS A 364 18.38 -23.03 -9.44
C HIS A 364 19.69 -22.29 -9.82
N GLU A 365 20.70 -23.02 -10.36
CA GLU A 365 21.97 -22.41 -10.80
C GLU A 365 21.77 -21.59 -12.06
N ILE A 366 20.98 -22.10 -13.03
CA ILE A 366 20.66 -21.44 -14.28
C ILE A 366 19.86 -20.15 -14.02
N PHE A 367 18.81 -20.25 -13.17
CA PHE A 367 17.96 -19.12 -12.77
C PHE A 367 18.81 -17.98 -12.20
N ALA A 368 19.78 -18.32 -11.32
CA ALA A 368 20.69 -17.40 -10.65
C ALA A 368 21.58 -16.64 -11.62
N GLU A 369 22.23 -17.36 -12.57
CA GLU A 369 23.16 -16.80 -13.56
C GLU A 369 22.33 -15.94 -14.52
N SER A 370 21.13 -16.42 -14.89
CA SER A 370 20.21 -15.72 -15.76
C SER A 370 19.73 -14.39 -15.17
N SER A 371 19.40 -14.38 -13.88
CA SER A 371 18.98 -13.18 -13.13
C SER A 371 20.11 -12.17 -13.10
N ARG A 372 21.35 -12.64 -12.81
CA ARG A 372 22.55 -11.81 -12.74
C ARG A 372 22.86 -11.17 -14.10
N ARG A 373 22.76 -11.97 -15.16
CA ARG A 373 22.98 -11.53 -16.53
C ARG A 373 21.95 -10.42 -16.89
N GLU A 374 20.66 -10.67 -16.60
CA GLU A 374 19.61 -9.70 -16.89
C GLU A 374 19.74 -8.41 -16.05
N MET A 375 20.04 -8.54 -14.77
CA MET A 375 20.22 -7.36 -13.92
C MET A 375 21.48 -6.56 -14.27
N ALA A 376 22.54 -7.26 -14.74
CA ALA A 376 23.75 -6.59 -15.22
C ALA A 376 23.40 -5.81 -16.50
N ALA A 377 22.58 -6.39 -17.40
CA ALA A 377 22.15 -5.72 -18.64
C ALA A 377 21.41 -4.41 -18.32
N LEU A 378 20.67 -4.38 -17.20
CA LEU A 378 19.95 -3.18 -16.73
C LEU A 378 20.91 -2.14 -16.11
N GLY A 379 22.13 -2.56 -15.81
CA GLY A 379 23.13 -1.69 -15.21
C GLY A 379 23.02 -1.53 -13.70
N VAL A 380 22.26 -2.43 -13.02
CA VAL A 380 22.07 -2.38 -11.57
C VAL A 380 23.15 -3.24 -10.86
N LEU A 381 23.78 -4.15 -11.62
CA LEU A 381 24.82 -5.06 -11.18
C LEU A 381 26.11 -4.71 -11.92
N PRO A 382 27.28 -4.61 -11.22
CA PRO A 382 27.51 -4.80 -9.78
C PRO A 382 26.99 -3.64 -8.95
N VAL A 383 26.89 -3.81 -7.62
CA VAL A 383 26.39 -2.76 -6.73
C VAL A 383 27.50 -1.84 -6.23
N ARG A 384 28.64 -2.43 -5.80
CA ARG A 384 29.82 -1.67 -5.34
C ARG A 384 31.12 -2.29 -5.89
N ASP B 32 -13.43 49.00 -11.43
CA ASP B 32 -13.61 47.75 -10.68
C ASP B 32 -12.27 47.21 -10.24
N ARG B 33 -12.19 46.73 -8.98
CA ARG B 33 -10.98 46.12 -8.44
C ARG B 33 -10.84 44.74 -9.07
N SER B 34 -9.77 44.54 -9.86
CA SER B 34 -9.49 43.26 -10.49
C SER B 34 -8.59 42.45 -9.56
N VAL B 35 -8.97 41.22 -9.27
CA VAL B 35 -8.25 40.36 -8.34
C VAL B 35 -7.79 39.09 -9.05
N SER B 36 -6.47 38.83 -9.00
CA SER B 36 -5.92 37.61 -9.58
C SER B 36 -6.40 36.41 -8.77
N PRO B 37 -6.69 35.25 -9.41
CA PRO B 37 -7.08 34.06 -8.64
C PRO B 37 -5.98 33.56 -7.68
N THR B 38 -4.72 34.00 -7.88
CA THR B 38 -3.55 33.67 -7.06
C THR B 38 -3.19 34.80 -6.08
N ASP B 39 -4.09 35.79 -5.87
CA ASP B 39 -3.87 36.87 -4.91
C ASP B 39 -3.67 36.27 -3.51
N PRO B 40 -2.70 36.76 -2.70
CA PRO B 40 -2.47 36.16 -1.36
C PRO B 40 -3.65 36.26 -0.38
N ALA B 41 -4.61 37.17 -0.63
CA ALA B 41 -5.78 37.29 0.24
C ALA B 41 -6.80 36.17 0.02
N LEU B 42 -6.73 35.47 -1.14
CA LEU B 42 -7.63 34.36 -1.45
C LEU B 42 -7.16 33.06 -0.81
N THR B 43 -8.12 32.30 -0.24
CA THR B 43 -7.92 30.99 0.37
C THR B 43 -8.84 30.01 -0.34
N TYR B 44 -8.29 28.91 -0.81
CA TYR B 44 -9.03 27.83 -1.43
C TYR B 44 -9.08 26.74 -0.38
N ARG B 45 -10.27 26.44 0.12
CA ARG B 45 -10.41 25.40 1.13
C ARG B 45 -10.93 24.18 0.42
N GLY B 46 -10.50 23.00 0.87
CA GLY B 46 -10.90 21.77 0.22
C GLY B 46 -10.09 21.46 -1.03
N ALA B 47 -9.06 22.28 -1.35
CA ALA B 47 -8.15 22.01 -2.50
C ALA B 47 -6.76 21.62 -1.96
N VAL B 48 -6.13 20.63 -2.56
CA VAL B 48 -4.81 20.16 -2.14
C VAL B 48 -3.74 20.98 -2.89
N SER B 49 -3.96 21.28 -4.20
CA SER B 49 -3.03 22.09 -4.96
C SER B 49 -3.74 22.99 -5.96
N LEU B 50 -3.04 24.04 -6.45
CA LEU B 50 -3.61 24.99 -7.42
C LEU B 50 -2.75 24.97 -8.67
N GLN B 51 -3.38 24.65 -9.82
CA GLN B 51 -2.68 24.55 -11.12
C GLN B 51 -2.90 25.82 -11.90
N ASP B 52 -1.86 26.57 -12.12
CA ASP B 52 -1.95 27.82 -12.86
C ASP B 52 -1.39 27.59 -14.26
N ARG B 53 -2.31 27.56 -15.25
CA ARG B 53 -1.96 27.34 -16.65
C ARG B 53 -2.57 28.37 -17.57
N ASP B 54 -1.70 29.18 -18.15
CA ASP B 54 -1.97 30.24 -19.10
C ASP B 54 -3.15 31.13 -18.75
N GLY B 55 -3.08 31.70 -17.55
CA GLY B 55 -4.07 32.64 -17.02
C GLY B 55 -5.21 31.99 -16.27
N TRP B 56 -5.31 30.65 -16.28
CA TRP B 56 -6.40 29.98 -15.60
C TRP B 56 -5.90 29.22 -14.41
N LEU B 57 -6.67 29.30 -13.31
CA LEU B 57 -6.34 28.67 -12.06
C LEU B 57 -7.30 27.54 -11.80
N ALA B 58 -6.79 26.32 -11.77
CA ALA B 58 -7.60 25.14 -11.49
C ALA B 58 -7.30 24.58 -10.08
N PRO B 59 -8.28 24.55 -9.16
CA PRO B 59 -8.04 23.90 -7.85
C PRO B 59 -8.06 22.39 -8.07
N TRP B 60 -7.11 21.66 -7.43
CA TRP B 60 -7.01 20.20 -7.53
C TRP B 60 -7.17 19.59 -6.17
N ARG B 61 -7.73 18.38 -6.14
CA ARG B 61 -7.93 17.66 -4.90
C ARG B 61 -6.86 16.58 -4.68
N ALA B 62 -5.71 16.74 -5.34
CA ALA B 62 -4.50 15.92 -5.28
C ALA B 62 -3.33 16.77 -5.84
N PRO B 63 -2.04 16.47 -5.58
CA PRO B 63 -0.96 17.28 -6.20
C PRO B 63 -0.94 17.13 -7.72
N HIS B 64 -1.30 18.21 -8.46
CA HIS B 64 -1.44 18.21 -9.91
C HIS B 64 -0.25 17.72 -10.72
N GLU B 65 0.98 18.00 -10.26
CA GLU B 65 2.16 17.54 -10.98
C GLU B 65 2.35 16.01 -10.89
N ASP B 66 1.77 15.39 -9.86
CA ASP B 66 1.84 13.94 -9.65
C ASP B 66 0.56 13.22 -10.04
N ALA B 67 -0.34 13.87 -10.80
CA ALA B 67 -1.63 13.30 -11.20
C ALA B 67 -1.58 11.88 -11.77
N TYR B 68 -0.53 11.62 -12.56
CA TYR B 68 -0.25 10.37 -13.25
C TYR B 68 -0.10 9.18 -12.28
N LEU B 69 0.33 9.47 -11.04
CA LEU B 69 0.55 8.52 -9.96
C LEU B 69 -0.76 8.07 -9.32
N TYR B 70 -1.72 9.00 -9.21
CA TYR B 70 -3.04 8.82 -8.59
C TYR B 70 -3.94 7.97 -9.47
N PHE B 71 -3.97 8.31 -10.76
CA PHE B 71 -4.71 7.58 -11.78
C PHE B 71 -3.79 7.14 -12.90
N PRO B 72 -3.09 5.98 -12.74
CA PRO B 72 -2.18 5.53 -13.80
C PRO B 72 -2.89 5.21 -15.12
N LYS B 73 -4.23 5.02 -15.10
CA LYS B 73 -5.01 4.74 -16.31
C LYS B 73 -5.30 6.00 -17.15
N GLY B 74 -5.25 7.18 -16.53
CA GLY B 74 -5.37 8.46 -17.23
C GLY B 74 -6.59 9.36 -17.05
N SER B 75 -7.65 8.92 -16.34
CA SER B 75 -8.80 9.82 -16.22
C SER B 75 -8.61 10.86 -15.08
N VAL B 76 -7.39 11.42 -15.10
CA VAL B 76 -6.75 12.37 -14.21
C VAL B 76 -7.59 13.63 -13.85
N GLY B 77 -8.48 14.05 -14.76
CA GLY B 77 -9.36 15.20 -14.58
C GLY B 77 -10.28 15.10 -13.39
N ARG B 78 -10.59 13.84 -12.97
CA ARG B 78 -11.41 13.47 -11.81
C ARG B 78 -10.93 14.22 -10.57
N LEU B 79 -9.59 14.34 -10.44
CA LEU B 79 -8.83 15.00 -9.39
C LEU B 79 -9.06 16.51 -9.41
N ALA B 80 -9.39 17.08 -10.59
CA ALA B 80 -9.63 18.52 -10.75
C ALA B 80 -11.12 18.94 -10.67
N GLN B 81 -12.02 17.97 -10.36
CA GLN B 81 -13.44 18.25 -10.11
C GLN B 81 -13.52 18.92 -8.74
N THR B 82 -14.10 20.12 -8.72
CA THR B 82 -14.14 21.02 -7.57
C THR B 82 -15.13 20.72 -6.42
N SER B 83 -15.39 19.43 -6.21
CA SER B 83 -16.26 18.90 -5.18
C SER B 83 -15.72 19.18 -3.76
N GLY B 84 -16.49 19.92 -2.97
CA GLY B 84 -16.15 20.33 -1.62
C GLY B 84 -15.14 21.47 -1.57
N VAL B 85 -14.78 22.03 -2.76
CA VAL B 85 -13.81 23.10 -2.86
C VAL B 85 -14.54 24.43 -2.68
N ARG B 86 -13.97 25.31 -1.85
CA ARG B 86 -14.50 26.65 -1.72
C ARG B 86 -13.48 27.74 -1.75
N LEU B 87 -13.87 28.90 -2.28
CA LEU B 87 -13.01 30.07 -2.35
C LEU B 87 -13.48 31.05 -1.26
N HIS B 88 -12.60 31.39 -0.32
CA HIS B 88 -12.89 32.30 0.78
C HIS B 88 -12.16 33.60 0.57
N LEU B 89 -12.82 34.70 0.91
CA LEU B 89 -12.26 36.05 0.89
C LEU B 89 -13.09 36.94 1.77
N ARG B 90 -12.45 37.88 2.43
CA ARG B 90 -13.16 38.88 3.22
C ARG B 90 -13.17 40.15 2.38
N THR B 91 -14.36 40.76 2.22
CA THR B 91 -14.55 41.99 1.43
C THR B 91 -15.73 42.83 1.91
N ASP B 92 -15.66 44.16 1.66
CA ASP B 92 -16.76 45.07 1.97
C ASP B 92 -17.57 45.41 0.70
N SER B 93 -17.16 44.81 -0.45
CA SER B 93 -17.79 44.96 -1.77
C SER B 93 -19.27 44.49 -1.80
N PRO B 94 -20.22 45.33 -2.28
CA PRO B 94 -21.63 44.89 -2.34
C PRO B 94 -21.91 43.90 -3.50
N TRP B 95 -20.90 43.68 -4.36
CA TRP B 95 -21.03 42.76 -5.50
C TRP B 95 -19.75 41.99 -5.80
N LEU B 96 -19.91 40.92 -6.54
CA LEU B 96 -18.86 40.00 -6.91
C LEU B 96 -18.98 39.58 -8.38
N ALA B 97 -17.84 39.42 -9.08
CA ALA B 97 -17.84 38.88 -10.43
C ALA B 97 -16.67 37.88 -10.57
N VAL B 98 -16.91 36.75 -11.21
CA VAL B 98 -15.88 35.74 -11.44
C VAL B 98 -15.87 35.35 -12.91
N ARG B 99 -14.69 35.40 -13.54
CA ARG B 99 -14.47 34.95 -14.92
C ARG B 99 -14.04 33.49 -14.80
N TYR B 100 -14.83 32.60 -15.40
CA TYR B 100 -14.62 31.17 -15.24
C TYR B 100 -14.83 30.37 -16.51
N GLU B 101 -14.53 29.08 -16.38
CA GLU B 101 -14.73 28.06 -17.40
C GLU B 101 -15.04 26.79 -16.61
N ALA B 102 -16.19 26.17 -16.90
CA ALA B 102 -16.62 24.94 -16.24
C ALA B 102 -16.68 23.80 -17.26
N VAL B 103 -15.86 22.77 -17.04
CA VAL B 103 -15.79 21.63 -17.94
C VAL B 103 -16.40 20.40 -17.31
N GLY B 104 -17.45 19.89 -17.95
CA GLY B 104 -18.12 18.67 -17.51
C GLY B 104 -17.39 17.42 -18.00
N PRO B 105 -17.64 16.23 -17.39
CA PRO B 105 -16.97 15.00 -17.87
C PRO B 105 -17.48 14.59 -19.25
N GLU B 117 -27.96 17.06 -14.53
CA GLU B 117 -27.17 17.54 -13.40
C GLU B 117 -26.82 19.05 -13.51
N PRO B 118 -27.69 19.98 -13.00
CA PRO B 118 -27.43 21.43 -13.13
C PRO B 118 -26.15 21.94 -12.49
N ALA B 119 -25.41 22.77 -13.26
CA ALA B 119 -24.12 23.33 -12.82
C ALA B 119 -24.35 24.54 -11.92
N LEU B 120 -24.24 24.34 -10.60
CA LEU B 120 -24.47 25.38 -9.61
C LEU B 120 -23.22 25.74 -8.83
N LEU B 121 -23.17 26.99 -8.40
CA LEU B 121 -22.11 27.63 -7.62
C LEU B 121 -22.89 28.33 -6.50
N ASP B 122 -22.49 28.10 -5.26
CA ASP B 122 -23.13 28.74 -4.11
C ASP B 122 -22.29 29.85 -3.59
N VAL B 123 -22.96 30.95 -3.21
CA VAL B 123 -22.35 32.13 -2.61
C VAL B 123 -22.89 32.22 -1.18
N LEU B 124 -22.00 31.99 -0.21
CA LEU B 124 -22.34 32.10 1.20
C LEU B 124 -21.74 33.37 1.75
N VAL B 125 -22.50 34.08 2.58
CA VAL B 125 -22.08 35.34 3.21
C VAL B 125 -22.22 35.11 4.71
N ASP B 126 -21.08 35.09 5.43
CA ASP B 126 -21.02 34.83 6.87
C ASP B 126 -21.80 33.53 7.23
N GLY B 127 -21.53 32.47 6.47
CA GLY B 127 -22.09 31.13 6.65
C GLY B 127 -23.52 30.92 6.21
N GLU B 128 -24.14 31.94 5.61
CA GLU B 128 -25.51 31.83 5.17
C GLU B 128 -25.57 31.91 3.67
N LEU B 129 -26.39 31.03 3.03
CA LEU B 129 -26.54 31.00 1.58
C LEU B 129 -27.20 32.29 1.09
N ALA B 130 -26.49 33.05 0.24
CA ALA B 130 -26.95 34.31 -0.32
C ALA B 130 -27.46 34.16 -1.75
N ARG B 131 -26.78 33.34 -2.58
CA ARG B 131 -27.17 33.12 -3.96
C ARG B 131 -26.66 31.80 -4.50
N THR B 132 -27.51 31.13 -5.27
CA THR B 132 -27.17 29.91 -6.00
C THR B 132 -27.13 30.40 -7.45
N VAL B 133 -25.99 30.21 -8.12
CA VAL B 133 -25.74 30.71 -9.48
C VAL B 133 -25.69 29.54 -10.47
N GLU B 134 -26.42 29.65 -11.59
CA GLU B 134 -26.40 28.61 -12.64
C GLU B 134 -25.22 28.92 -13.56
N LEU B 135 -24.31 27.94 -13.73
CA LEU B 135 -23.12 28.10 -14.55
C LEU B 135 -23.29 27.73 -16.01
N LYS B 136 -22.54 28.43 -16.89
CA LYS B 136 -22.48 28.17 -18.33
C LYS B 136 -21.34 27.16 -18.54
N LEU B 137 -21.58 26.09 -19.30
CA LEU B 137 -20.58 25.05 -19.53
C LEU B 137 -19.72 25.23 -20.76
N ASP B 138 -18.46 24.73 -20.69
CA ASP B 138 -17.44 24.69 -21.76
C ASP B 138 -17.29 26.00 -22.53
N ALA B 139 -17.19 27.09 -21.77
CA ALA B 139 -17.10 28.45 -22.31
C ALA B 139 -16.41 29.38 -21.33
N ASP B 140 -15.72 30.38 -21.86
CA ASP B 140 -15.07 31.45 -21.11
C ASP B 140 -16.24 32.37 -20.73
N ALA B 141 -16.74 32.24 -19.51
CA ALA B 141 -17.92 32.97 -19.04
C ALA B 141 -17.68 33.86 -17.82
N GLU B 142 -18.68 34.70 -17.50
CA GLU B 142 -18.63 35.60 -16.36
C GLU B 142 -19.89 35.51 -15.51
N LEU B 143 -19.67 35.27 -14.24
CA LEU B 143 -20.66 35.10 -13.19
C LEU B 143 -20.75 36.45 -12.46
N HIS B 144 -21.95 36.95 -12.16
CA HIS B 144 -22.09 38.22 -11.47
C HIS B 144 -23.12 38.11 -10.37
N VAL B 145 -22.69 38.35 -9.13
CA VAL B 145 -23.54 38.32 -7.95
C VAL B 145 -23.60 39.73 -7.38
N ASP B 146 -24.73 40.37 -7.55
CA ASP B 146 -24.93 41.71 -7.06
C ASP B 146 -25.84 41.63 -5.86
N GLY B 147 -25.94 42.73 -5.12
CA GLY B 147 -26.81 42.88 -3.96
C GLY B 147 -26.42 42.05 -2.77
N LEU B 148 -25.11 42.02 -2.44
CA LEU B 148 -24.58 41.33 -1.26
C LEU B 148 -24.57 42.38 -0.15
N PRO B 149 -24.58 41.99 1.15
CA PRO B 149 -24.56 43.00 2.22
C PRO B 149 -23.37 43.95 2.12
N ALA B 150 -23.57 45.21 2.51
CA ALA B 150 -22.48 46.19 2.53
C ALA B 150 -21.68 45.95 3.81
N GLY B 151 -20.42 46.37 3.82
CA GLY B 151 -19.57 46.21 4.98
C GLY B 151 -18.77 44.92 4.95
N ASP B 152 -17.77 44.82 5.83
CA ASP B 152 -16.90 43.66 5.91
C ASP B 152 -17.66 42.39 6.23
N LYS B 153 -17.36 41.33 5.48
CA LYS B 153 -18.02 40.03 5.60
C LYS B 153 -17.15 38.94 4.99
N LEU B 154 -17.36 37.69 5.42
CA LEU B 154 -16.68 36.56 4.85
C LEU B 154 -17.52 36.05 3.66
N VAL B 155 -16.89 35.96 2.48
CA VAL B 155 -17.54 35.45 1.27
C VAL B 155 -17.00 34.05 0.95
N GLU B 156 -17.87 33.04 0.87
CA GLU B 156 -17.45 31.68 0.49
C GLU B 156 -18.13 31.32 -0.79
N LEU B 157 -17.35 30.98 -1.80
CA LEU B 157 -17.82 30.54 -3.11
C LEU B 157 -17.63 29.01 -3.12
N TRP B 158 -18.73 28.26 -3.00
CA TRP B 158 -18.69 26.81 -3.03
C TRP B 158 -18.80 26.38 -4.47
N LEU B 159 -17.68 25.92 -4.99
CA LEU B 159 -17.48 25.52 -6.38
C LEU B 159 -18.33 24.29 -6.77
N PRO B 160 -18.71 24.15 -8.07
CA PRO B 160 -19.52 22.98 -8.47
C PRO B 160 -18.92 21.61 -8.19
N THR B 161 -19.79 20.66 -7.90
CA THR B 161 -19.52 19.29 -7.50
C THR B 161 -18.93 18.32 -8.55
N LEU B 162 -19.60 18.17 -9.69
CA LEU B 162 -19.21 17.17 -10.66
C LEU B 162 -18.53 17.76 -11.91
N LEU B 163 -17.87 18.90 -11.73
CA LEU B 163 -17.26 19.66 -12.80
C LEU B 163 -15.87 20.11 -12.47
N GLN B 164 -15.06 20.35 -13.52
CA GLN B 164 -13.77 20.99 -13.38
C GLN B 164 -14.08 22.48 -13.51
N PHE B 165 -13.66 23.28 -12.54
CA PHE B 165 -13.93 24.71 -12.54
C PHE B 165 -12.60 25.46 -12.51
N ARG B 166 -12.38 26.35 -13.50
CA ARG B 166 -11.16 27.16 -13.59
C ARG B 166 -11.53 28.61 -13.46
N LEU B 167 -10.67 29.38 -12.83
CA LEU B 167 -10.88 30.79 -12.53
C LEU B 167 -9.81 31.63 -13.21
N ALA B 168 -10.20 32.75 -13.88
CA ALA B 168 -9.25 33.66 -14.52
C ALA B 168 -9.19 35.02 -13.81
N GLU B 169 -10.28 35.41 -13.12
CA GLU B 169 -10.36 36.71 -12.46
C GLU B 169 -11.50 36.78 -11.47
N VAL B 170 -11.33 37.62 -10.45
CA VAL B 170 -12.35 37.97 -9.48
C VAL B 170 -12.45 39.48 -9.57
N ARG B 171 -13.66 39.99 -9.65
CA ARG B 171 -13.85 41.43 -9.70
C ARG B 171 -14.73 41.87 -8.56
N LEU B 172 -14.39 43.03 -8.01
CA LEU B 172 -15.10 43.64 -6.88
C LEU B 172 -15.26 45.11 -7.18
N GLU B 173 -16.08 45.81 -6.35
CA GLU B 173 -16.31 47.24 -6.45
C GLU B 173 -14.96 47.98 -6.32
N ALA B 174 -14.81 49.11 -7.02
CA ALA B 174 -13.62 49.94 -6.93
C ALA B 174 -13.44 50.42 -5.49
N GLY B 175 -12.19 50.39 -5.01
CA GLY B 175 -11.84 50.79 -3.66
C GLY B 175 -12.26 49.80 -2.58
N ALA B 176 -12.87 48.65 -2.94
CA ALA B 176 -13.28 47.64 -1.96
C ALA B 176 -12.06 46.99 -1.30
N THR B 177 -12.21 46.63 -0.01
CA THR B 177 -11.18 45.97 0.81
C THR B 177 -11.11 44.51 0.42
N LEU B 178 -9.94 43.91 0.60
CA LEU B 178 -9.73 42.50 0.32
C LEU B 178 -8.79 41.97 1.39
N GLU B 179 -9.29 41.05 2.21
CA GLU B 179 -8.53 40.47 3.32
C GLU B 179 -8.60 38.97 3.32
N LYS B 180 -7.57 38.34 3.89
CA LYS B 180 -7.52 36.88 4.03
C LYS B 180 -8.44 36.42 5.17
N ASP B 181 -9.19 35.31 4.94
CA ASP B 181 -9.98 34.69 6.00
C ASP B 181 -8.96 33.87 6.81
N THR B 182 -8.70 34.25 8.06
CA THR B 182 -7.68 33.54 8.86
C THR B 182 -8.20 32.39 9.74
N SER B 183 -9.49 32.00 9.57
CA SER B 183 -10.11 30.92 10.37
C SER B 183 -9.33 29.63 10.36
N SER B 184 -9.20 28.99 11.55
CA SER B 184 -8.52 27.72 11.74
C SER B 184 -9.41 26.64 12.41
N LYS B 185 -10.40 26.20 11.66
CA LYS B 185 -11.31 25.13 12.04
C LYS B 185 -10.58 23.78 12.00
N PRO B 186 -11.02 22.78 12.81
CA PRO B 186 -10.39 21.44 12.71
C PRO B 186 -10.63 20.84 11.32
N HIS B 187 -9.68 20.06 10.85
CA HIS B 187 -9.75 19.48 9.52
C HIS B 187 -10.46 18.17 9.48
N TRP B 188 -11.38 18.06 8.52
CA TRP B 188 -12.09 16.82 8.31
C TRP B 188 -11.86 16.29 6.90
N ILE B 189 -11.14 15.14 6.82
CA ILE B 189 -10.89 14.45 5.56
C ILE B 189 -11.92 13.32 5.39
N HIS B 190 -12.65 13.35 4.26
CA HIS B 190 -13.59 12.26 3.94
C HIS B 190 -13.16 11.60 2.66
N TYR B 191 -12.95 10.29 2.70
CA TYR B 191 -12.51 9.50 1.55
C TYR B 191 -13.49 8.39 1.25
N GLY B 192 -13.74 8.16 -0.03
CA GLY B 192 -14.61 7.09 -0.49
C GLY B 192 -15.59 7.51 -1.55
N ASP B 193 -16.89 7.31 -1.25
CA ASP B 193 -18.11 7.64 -2.04
C ASP B 193 -18.04 7.50 -3.58
N SER B 194 -18.06 6.24 -4.07
CA SER B 194 -18.00 5.88 -5.51
C SER B 194 -19.10 6.54 -6.36
N ILE B 195 -20.37 6.55 -5.84
CA ILE B 195 -21.54 7.15 -6.50
C ILE B 195 -21.41 8.69 -6.55
N CYS B 196 -20.50 9.23 -5.71
CA CYS B 196 -20.22 10.65 -5.52
C CYS B 196 -21.49 11.39 -5.11
N HIS B 197 -21.80 11.29 -3.79
CA HIS B 197 -22.95 11.89 -3.12
C HIS B 197 -22.87 13.42 -3.18
N GLY B 198 -23.12 13.91 -4.38
CA GLY B 198 -23.23 15.30 -4.75
C GLY B 198 -24.51 15.31 -5.52
N ARG B 199 -24.77 14.13 -6.14
CA ARG B 199 -25.96 13.83 -6.90
C ARG B 199 -27.18 13.95 -5.97
N GLY B 200 -28.12 14.76 -6.40
CA GLY B 200 -29.36 14.99 -5.67
C GLY B 200 -29.32 16.13 -4.70
N ALA B 201 -28.13 16.70 -4.41
CA ALA B 201 -28.04 17.84 -3.47
C ALA B 201 -28.62 19.06 -4.13
N ALA B 202 -29.28 19.90 -3.33
CA ALA B 202 -29.95 21.13 -3.78
C ALA B 202 -28.94 22.05 -4.46
N SER B 203 -27.73 22.17 -3.90
CA SER B 203 -26.66 23.01 -4.42
C SER B 203 -25.33 22.60 -3.75
N PRO B 204 -24.13 23.07 -4.21
CA PRO B 204 -22.86 22.59 -3.59
C PRO B 204 -22.67 22.73 -2.07
N SER B 205 -23.25 23.77 -1.45
CA SER B 205 -23.12 23.96 0.00
C SER B 205 -24.15 23.12 0.74
N ARG B 206 -24.97 22.37 -0.02
CA ARG B 206 -26.02 21.57 0.56
C ARG B 206 -25.92 20.06 0.34
N THR B 207 -24.68 19.57 0.13
CA THR B 207 -24.43 18.12 0.06
C THR B 207 -24.41 17.67 1.52
N TRP B 208 -24.53 16.38 1.79
CA TRP B 208 -24.50 15.90 3.17
C TRP B 208 -23.19 16.29 3.83
N LEU B 209 -22.06 16.15 3.10
CA LEU B 209 -20.71 16.53 3.54
C LEU B 209 -20.61 17.99 3.91
N ALA B 210 -21.10 18.90 3.03
CA ALA B 210 -21.08 20.35 3.24
C ALA B 210 -21.92 20.71 4.48
N LEU B 211 -23.13 20.16 4.58
CA LEU B 211 -24.05 20.38 5.70
C LEU B 211 -23.49 19.84 7.01
N ALA B 212 -22.87 18.64 6.98
CA ALA B 212 -22.29 18.01 8.19
C ALA B 212 -21.13 18.83 8.69
N ALA B 213 -20.22 19.26 7.78
CA ALA B 213 -19.05 20.10 8.12
C ALA B 213 -19.44 21.45 8.69
N ARG B 214 -20.41 22.12 8.06
CA ARG B 214 -20.90 23.43 8.47
C ARG B 214 -21.54 23.37 9.87
N ALA B 215 -22.34 22.32 10.13
CA ALA B 215 -22.98 22.15 11.45
C ALA B 215 -21.95 21.84 12.54
N GLU B 216 -20.88 21.14 12.19
CA GLU B 216 -19.85 20.79 13.15
C GLU B 216 -18.74 21.83 13.32
N GLY B 217 -18.60 22.76 12.37
CA GLY B 217 -17.52 23.74 12.38
C GLY B 217 -16.23 23.12 11.90
N LEU B 218 -16.29 22.25 10.87
CA LEU B 218 -15.13 21.55 10.32
C LEU B 218 -14.69 22.06 8.96
N ASP B 219 -13.38 22.08 8.72
CA ASP B 219 -12.80 22.47 7.44
C ASP B 219 -12.71 21.17 6.61
N LEU B 220 -13.71 20.97 5.76
CA LEU B 220 -13.82 19.82 4.89
C LEU B 220 -12.75 19.74 3.78
N GLN B 221 -12.38 18.49 3.51
CA GLN B 221 -11.48 18.09 2.44
C GLN B 221 -12.00 16.75 1.92
N SER B 222 -12.64 16.78 0.75
CA SER B 222 -13.20 15.61 0.12
C SER B 222 -12.17 14.95 -0.76
N LEU B 223 -12.01 13.65 -0.60
CA LEU B 223 -11.13 12.89 -1.45
C LEU B 223 -11.95 11.76 -2.10
N SER B 224 -13.17 12.08 -2.50
CA SER B 224 -14.09 11.19 -3.21
C SER B 224 -14.02 11.54 -4.68
N PHE B 225 -13.62 10.56 -5.48
CA PHE B 225 -13.46 10.69 -6.92
C PHE B 225 -14.34 9.64 -7.64
N ALA B 226 -14.83 10.01 -8.84
CA ALA B 226 -15.71 9.21 -9.69
C ALA B 226 -15.13 7.83 -10.03
N ALA B 227 -16.02 6.82 -10.07
CA ALA B 227 -15.75 5.41 -10.37
C ALA B 227 -14.68 4.75 -9.47
N ASP B 228 -13.60 4.18 -10.07
CA ASP B 228 -12.53 3.47 -9.37
C ASP B 228 -11.55 4.42 -8.65
N GLY B 229 -12.11 5.22 -7.72
CA GLY B 229 -11.39 6.17 -6.90
C GLY B 229 -11.42 5.84 -5.41
N SER B 230 -12.33 4.92 -5.01
CA SER B 230 -12.54 4.45 -3.61
C SER B 230 -11.98 3.03 -3.37
N HIS B 231 -11.06 2.60 -4.26
CA HIS B 231 -10.42 1.29 -4.30
C HIS B 231 -9.20 1.11 -3.36
N LEU B 232 -8.98 2.06 -2.42
CA LEU B 232 -7.90 2.02 -1.43
C LEU B 232 -6.48 2.07 -2.00
N GLN B 233 -6.29 2.81 -3.10
CA GLN B 233 -4.97 2.96 -3.70
C GLN B 233 -4.01 3.59 -2.66
N PRO B 234 -2.83 2.96 -2.44
CA PRO B 234 -1.87 3.50 -1.46
C PRO B 234 -1.48 4.98 -1.64
N MET B 235 -1.56 5.52 -2.88
CA MET B 235 -1.27 6.94 -3.11
C MET B 235 -2.25 7.86 -2.36
N PHE B 236 -3.50 7.39 -2.16
CA PHE B 236 -4.51 8.13 -1.43
C PHE B 236 -4.27 8.13 0.06
N ALA B 237 -3.78 6.99 0.63
CA ALA B 237 -3.43 6.88 2.05
C ALA B 237 -2.26 7.83 2.30
N ARG B 238 -1.27 7.87 1.38
CA ARG B 238 -0.12 8.78 1.47
C ARG B 238 -0.57 10.24 1.47
N LEU B 239 -1.55 10.57 0.61
CA LEU B 239 -2.13 11.90 0.51
C LEU B 239 -2.79 12.28 1.84
N ILE B 240 -3.69 11.43 2.37
CA ILE B 240 -4.36 11.65 3.64
C ILE B 240 -3.34 11.85 4.75
N ARG B 241 -2.29 10.98 4.80
CA ARG B 241 -1.20 11.05 5.76
C ARG B 241 -0.50 12.42 5.73
N ASP B 242 -0.28 12.95 4.51
CA ASP B 242 0.44 14.20 4.30
C ASP B 242 -0.42 15.46 4.38
N LEU B 243 -1.72 15.30 4.60
CA LEU B 243 -2.68 16.38 4.73
C LEU B 243 -2.99 16.67 6.22
N PRO B 244 -3.32 17.91 6.65
CA PRO B 244 -3.71 18.11 8.08
C PRO B 244 -5.08 17.46 8.31
N ALA B 245 -5.26 16.83 9.48
CA ALA B 245 -6.52 16.14 9.79
C ALA B 245 -6.76 16.00 11.27
N ASP B 246 -7.98 16.33 11.68
CA ASP B 246 -8.42 16.21 13.06
C ASP B 246 -9.48 15.13 13.16
N LEU B 247 -10.06 14.73 12.01
CA LEU B 247 -11.05 13.67 11.84
C LEU B 247 -10.91 13.11 10.44
N ILE B 248 -10.82 11.77 10.33
CA ILE B 248 -10.72 11.07 9.05
C ILE B 248 -11.84 10.04 8.95
N SER B 249 -12.57 10.06 7.86
CA SER B 249 -13.62 9.07 7.62
C SER B 249 -13.41 8.47 6.25
N LEU B 250 -13.43 7.14 6.20
CA LEU B 250 -13.22 6.33 5.01
C LEU B 250 -14.45 5.46 4.80
N ARG B 251 -15.13 5.61 3.66
CA ARG B 251 -16.29 4.77 3.32
C ARG B 251 -15.89 3.90 2.11
N VAL B 252 -15.64 2.57 2.32
CA VAL B 252 -15.15 1.64 1.28
C VAL B 252 -15.92 0.32 1.24
N GLY B 253 -15.80 -0.39 0.11
CA GLY B 253 -16.49 -1.65 -0.14
C GLY B 253 -17.17 -1.70 -1.51
N THR B 254 -18.31 -0.99 -1.66
CA THR B 254 -19.14 -0.94 -2.89
C THR B 254 -18.42 -0.64 -4.20
N SER B 255 -17.37 0.21 -4.13
CA SER B 255 -16.53 0.58 -5.28
C SER B 255 -16.04 -0.70 -6.00
N ASN B 256 -15.30 -1.56 -5.23
CA ASN B 256 -14.76 -2.85 -5.63
C ASN B 256 -15.88 -3.86 -5.89
N PHE B 257 -17.06 -3.70 -5.22
CA PHE B 257 -18.25 -4.56 -5.41
C PHE B 257 -18.92 -4.41 -6.81
N MET B 258 -18.87 -3.20 -7.42
CA MET B 258 -19.45 -2.94 -8.75
C MET B 258 -18.80 -3.77 -9.86
N ASP B 259 -17.49 -4.01 -9.74
CA ASP B 259 -16.73 -4.82 -10.70
C ASP B 259 -16.38 -6.21 -10.15
N GLY B 260 -16.47 -6.37 -8.83
CA GLY B 260 -16.10 -7.62 -8.15
C GLY B 260 -14.60 -7.72 -7.87
N ASP B 261 -13.78 -6.99 -8.68
CA ASP B 261 -12.34 -7.00 -8.56
C ASP B 261 -11.84 -6.21 -7.37
N GLY B 262 -11.00 -6.86 -6.57
CA GLY B 262 -10.36 -6.28 -5.39
C GLY B 262 -10.63 -6.94 -4.06
N PHE B 263 -11.50 -7.97 -4.03
CA PHE B 263 -11.87 -8.63 -2.78
C PHE B 263 -10.75 -9.36 -2.00
N VAL B 264 -9.92 -10.15 -2.69
CA VAL B 264 -8.84 -10.90 -2.04
C VAL B 264 -7.85 -9.97 -1.33
N ASP B 265 -7.45 -8.89 -2.01
CA ASP B 265 -6.48 -7.93 -1.46
C ASP B 265 -7.06 -6.92 -0.51
N PHE B 266 -8.40 -6.81 -0.48
CA PHE B 266 -9.13 -5.86 0.32
C PHE B 266 -8.68 -5.73 1.80
N PRO B 267 -8.66 -6.82 2.63
CA PRO B 267 -8.22 -6.65 4.03
C PRO B 267 -6.80 -6.12 4.15
N ALA B 268 -5.85 -6.63 3.34
CA ALA B 268 -4.46 -6.19 3.34
C ALA B 268 -4.34 -4.74 2.94
N ASN B 269 -5.09 -4.34 1.90
CA ASN B 269 -5.10 -2.97 1.41
C ASN B 269 -5.67 -2.00 2.42
N LEU B 270 -6.70 -2.40 3.18
CA LEU B 270 -7.33 -1.58 4.20
C LEU B 270 -6.41 -1.43 5.42
N VAL B 271 -5.80 -2.54 5.90
CA VAL B 271 -4.84 -2.52 7.01
C VAL B 271 -3.68 -1.58 6.61
N GLY B 272 -3.10 -1.82 5.42
CA GLY B 272 -2.03 -1.00 4.85
C GLY B 272 -2.41 0.46 4.77
N PHE B 273 -3.64 0.75 4.31
CA PHE B 273 -4.18 2.10 4.17
C PHE B 273 -4.16 2.87 5.48
N VAL B 274 -4.71 2.28 6.56
CA VAL B 274 -4.76 2.87 7.91
C VAL B 274 -3.33 3.08 8.47
N GLN B 275 -2.46 2.05 8.35
CA GLN B 275 -1.10 2.13 8.85
C GLN B 275 -0.30 3.28 8.28
N ILE B 276 -0.46 3.58 6.96
CA ILE B 276 0.21 4.68 6.27
C ILE B 276 -0.26 6.01 6.89
N ILE B 277 -1.58 6.15 7.10
CA ILE B 277 -2.19 7.35 7.69
C ILE B 277 -1.63 7.58 9.10
N ARG B 278 -1.55 6.49 9.89
CA ARG B 278 -1.10 6.47 11.28
C ARG B 278 0.34 6.91 11.48
N GLU B 279 1.18 6.91 10.42
CA GLU B 279 2.55 7.40 10.51
C GLU B 279 2.58 8.91 10.90
N ARG B 280 1.65 9.76 10.36
CA ARG B 280 1.57 11.23 10.64
C ARG B 280 0.34 11.58 11.53
N HIS B 281 -0.68 10.70 11.58
CA HIS B 281 -1.90 10.89 12.38
C HIS B 281 -2.02 9.70 13.35
N PRO B 282 -1.15 9.62 14.39
CA PRO B 282 -1.21 8.44 15.28
C PRO B 282 -2.42 8.32 16.19
N LEU B 283 -3.06 9.44 16.55
CA LEU B 283 -4.18 9.46 17.51
C LEU B 283 -5.48 9.99 16.90
N THR B 284 -5.42 10.52 15.67
CA THR B 284 -6.58 11.09 14.97
C THR B 284 -7.69 10.04 14.84
N PRO B 285 -8.93 10.39 15.17
CA PRO B 285 -10.03 9.42 14.99
C PRO B 285 -10.21 9.06 13.52
N ILE B 286 -10.09 7.76 13.20
CA ILE B 286 -10.30 7.21 11.87
C ILE B 286 -11.59 6.40 11.95
N VAL B 287 -12.56 6.80 11.14
CA VAL B 287 -13.87 6.15 11.08
C VAL B 287 -13.92 5.31 9.83
N LEU B 288 -14.00 4.00 10.05
CA LEU B 288 -14.03 2.97 9.02
C LEU B 288 -15.49 2.68 8.74
N GLY B 289 -15.96 3.23 7.65
CA GLY B 289 -17.36 3.11 7.26
C GLY B 289 -17.59 2.07 6.20
N SER B 290 -18.49 1.12 6.50
CA SER B 290 -18.87 0.11 5.52
C SER B 290 -19.82 0.82 4.57
N SER B 291 -19.80 0.43 3.30
CA SER B 291 -20.61 1.09 2.26
C SER B 291 -22.08 0.64 2.20
N VAL B 292 -23.02 1.62 2.30
CA VAL B 292 -24.47 1.41 2.24
C VAL B 292 -24.99 0.94 0.84
N ASP B 303 -24.53 -11.15 -7.73
CA ASP B 303 -23.98 -12.13 -8.68
C ASP B 303 -23.05 -13.16 -7.99
N ASP B 304 -22.45 -14.09 -8.79
CA ASP B 304 -21.54 -15.15 -8.35
C ASP B 304 -20.14 -14.64 -7.86
N LYS B 305 -19.99 -13.32 -7.82
CA LYS B 305 -18.80 -12.61 -7.35
C LYS B 305 -19.06 -12.12 -5.90
N PRO B 306 -18.02 -11.71 -5.11
CA PRO B 306 -18.27 -11.23 -3.72
C PRO B 306 -19.38 -10.21 -3.60
N THR B 307 -20.12 -10.26 -2.50
CA THR B 307 -21.28 -9.43 -2.18
C THR B 307 -20.92 -8.27 -1.30
N VAL B 308 -21.86 -7.33 -1.11
CA VAL B 308 -21.75 -6.17 -0.22
C VAL B 308 -21.45 -6.67 1.21
N ALA B 309 -22.17 -7.73 1.66
CA ALA B 309 -22.02 -8.36 2.97
C ALA B 309 -20.58 -8.83 3.18
N ASP B 310 -19.98 -9.46 2.14
CA ASP B 310 -18.60 -9.93 2.13
C ASP B 310 -17.60 -8.81 2.38
N TYR B 311 -17.81 -7.65 1.73
CA TYR B 311 -16.93 -6.49 1.90
C TYR B 311 -17.08 -5.91 3.27
N ARG B 312 -18.33 -5.84 3.75
CA ARG B 312 -18.69 -5.29 5.05
C ARG B 312 -18.06 -6.12 6.17
N GLU B 313 -18.03 -7.48 6.03
CA GLU B 313 -17.38 -8.32 7.02
C GLU B 313 -15.87 -8.10 7.12
N GLN B 314 -15.23 -7.72 6.01
CA GLN B 314 -13.80 -7.45 6.01
C GLN B 314 -13.50 -6.14 6.73
N VAL B 315 -14.34 -5.09 6.55
CA VAL B 315 -14.21 -3.77 7.22
C VAL B 315 -14.32 -3.94 8.75
N VAL B 316 -15.29 -4.75 9.20
CA VAL B 316 -15.56 -5.05 10.61
C VAL B 316 -14.33 -5.80 11.18
N LYS B 317 -13.83 -6.81 10.42
CA LYS B 317 -12.67 -7.60 10.80
C LYS B 317 -11.38 -6.79 10.95
N VAL B 318 -11.14 -5.86 10.07
CA VAL B 318 -9.93 -5.01 10.10
C VAL B 318 -10.03 -4.04 11.28
N ALA B 319 -11.22 -3.41 11.47
CA ALA B 319 -11.47 -2.48 12.58
C ALA B 319 -11.25 -3.18 13.91
N GLU B 320 -11.77 -4.41 14.07
CA GLU B 320 -11.60 -5.18 15.30
C GLU B 320 -10.14 -5.58 15.49
N LEU B 321 -9.44 -5.97 14.42
CA LEU B 321 -8.04 -6.35 14.46
C LEU B 321 -7.14 -5.19 14.90
N LEU B 322 -7.32 -4.00 14.30
CA LEU B 322 -6.56 -2.80 14.65
C LEU B 322 -6.80 -2.39 16.11
N ARG B 323 -8.06 -2.51 16.58
CA ARG B 323 -8.43 -2.16 17.95
C ARG B 323 -7.84 -3.13 18.96
N LYS B 324 -8.00 -4.44 18.68
CA LYS B 324 -7.52 -5.54 19.52
C LYS B 324 -6.02 -5.37 19.82
N HIS B 325 -5.24 -4.94 18.82
CA HIS B 325 -3.82 -4.75 18.97
C HIS B 325 -3.35 -3.32 19.31
N GLY B 326 -4.22 -2.53 19.96
CA GLY B 326 -3.82 -1.23 20.46
C GLY B 326 -4.35 0.07 19.89
N ASP B 327 -4.99 0.06 18.70
CA ASP B 327 -5.49 1.32 18.14
C ASP B 327 -6.84 1.70 18.73
N GLN B 328 -6.81 2.62 19.70
CA GLN B 328 -8.00 3.12 20.42
C GLN B 328 -8.75 4.15 19.60
N ASN B 329 -8.16 4.61 18.48
CA ASN B 329 -8.78 5.64 17.67
C ASN B 329 -9.28 5.20 16.29
N VAL B 330 -9.50 3.90 16.11
CA VAL B 330 -10.09 3.33 14.90
C VAL B 330 -11.50 2.90 15.30
N HIS B 331 -12.52 3.30 14.50
CA HIS B 331 -13.92 3.01 14.84
C HIS B 331 -14.66 2.51 13.65
N TYR B 332 -15.59 1.62 13.89
CA TYR B 332 -16.40 1.11 12.81
C TYR B 332 -17.76 1.82 12.79
N LEU B 333 -18.15 2.30 11.63
CA LEU B 333 -19.43 2.95 11.39
C LEU B 333 -20.20 2.08 10.39
N ASP B 334 -21.29 1.47 10.86
CA ASP B 334 -22.14 0.61 10.03
C ASP B 334 -22.95 1.53 9.13
N GLY B 335 -22.72 1.43 7.83
CA GLY B 335 -23.43 2.21 6.81
C GLY B 335 -24.93 2.06 6.91
N MET B 336 -25.41 0.84 7.18
CA MET B 336 -26.84 0.55 7.34
C MET B 336 -27.47 1.26 8.55
N ARG B 337 -26.65 1.67 9.53
CA ARG B 337 -27.06 2.43 10.72
C ARG B 337 -27.31 3.94 10.38
N VAL B 338 -26.77 4.41 9.22
CA VAL B 338 -26.86 5.82 8.79
C VAL B 338 -27.88 6.05 7.64
N TRP B 339 -27.52 5.65 6.39
CA TRP B 339 -28.23 5.80 5.12
C TRP B 339 -29.18 4.62 4.78
N GLY B 340 -29.43 3.74 5.76
CA GLY B 340 -30.28 2.55 5.62
C GLY B 340 -31.68 2.72 5.07
N PRO B 341 -32.44 1.60 4.88
CA PRO B 341 -33.79 1.69 4.29
C PRO B 341 -34.93 1.57 5.31
N GLU B 342 -34.63 0.94 6.46
CA GLU B 342 -35.53 0.65 7.56
C GLU B 342 -36.11 1.96 8.16
N ARG B 343 -37.42 1.92 8.50
CA ARG B 343 -38.21 3.00 9.10
C ARG B 343 -38.48 4.20 8.19
N GLY B 344 -38.89 3.91 6.96
CA GLY B 344 -39.30 4.92 5.99
C GLY B 344 -38.25 5.85 5.41
N MET B 345 -37.02 5.37 5.26
CA MET B 345 -35.93 6.15 4.68
C MET B 345 -35.97 6.36 3.14
N GLU B 346 -36.84 5.61 2.42
CA GLU B 346 -36.94 5.72 0.95
C GLU B 346 -37.46 7.07 0.46
N LEU B 347 -38.26 7.77 1.30
CA LEU B 347 -38.80 9.10 1.03
C LEU B 347 -37.64 10.07 0.70
N TYR B 348 -36.47 9.82 1.31
CA TYR B 348 -35.28 10.67 1.19
C TYR B 348 -34.36 10.25 0.05
N LEU B 349 -34.77 9.23 -0.73
CA LEU B 349 -33.98 8.69 -1.82
C LEU B 349 -34.53 8.94 -3.19
N GLU B 350 -33.67 9.18 -4.17
CA GLU B 350 -34.03 9.37 -5.58
C GLU B 350 -33.57 8.09 -6.24
N LYS B 351 -34.52 7.38 -6.87
CA LYS B 351 -34.27 6.08 -7.50
C LYS B 351 -34.41 6.10 -9.04
N PRO B 352 -33.40 6.57 -9.80
CA PRO B 352 -33.51 6.52 -11.27
C PRO B 352 -33.26 5.09 -11.78
N ASP B 353 -33.83 4.72 -12.97
CA ASP B 353 -33.71 3.38 -13.57
C ASP B 353 -32.27 2.90 -13.80
N LYS B 354 -31.56 3.49 -14.80
CA LYS B 354 -30.18 3.13 -15.14
C LYS B 354 -29.16 3.67 -14.12
N TYR B 355 -29.35 4.93 -13.68
CA TYR B 355 -28.48 5.61 -12.71
C TYR B 355 -28.54 4.95 -11.29
N PRO B 356 -27.42 4.96 -10.49
CA PRO B 356 -27.48 4.36 -9.15
C PRO B 356 -28.15 5.29 -8.13
N THR B 357 -29.00 4.74 -7.25
CA THR B 357 -29.77 5.54 -6.30
C THR B 357 -28.92 6.41 -5.38
N HIS B 358 -29.46 7.58 -5.02
CA HIS B 358 -28.79 8.58 -4.18
C HIS B 358 -29.81 9.43 -3.33
N PRO B 359 -29.37 10.20 -2.32
CA PRO B 359 -30.33 11.04 -1.58
C PRO B 359 -30.82 12.19 -2.44
N ASN B 360 -32.04 12.67 -2.17
CA ASN B 360 -32.59 13.89 -2.79
C ASN B 360 -32.13 15.09 -1.89
N ALA B 361 -32.60 16.29 -2.18
CA ALA B 361 -32.22 17.48 -1.40
C ALA B 361 -32.48 17.33 0.12
N VAL B 362 -33.68 16.83 0.49
CA VAL B 362 -34.02 16.58 1.91
C VAL B 362 -33.15 15.44 2.47
N GLY B 363 -32.95 14.38 1.69
CA GLY B 363 -32.12 13.26 2.08
C GLY B 363 -30.72 13.68 2.44
N HIS B 364 -30.12 14.59 1.64
CA HIS B 364 -28.79 15.09 1.94
C HIS B 364 -28.77 15.74 3.34
N GLU B 365 -29.87 16.43 3.73
CA GLU B 365 -29.97 17.07 5.07
C GLU B 365 -30.08 16.05 6.19
N ILE B 366 -30.93 15.03 5.97
CA ILE B 366 -31.17 13.94 6.91
C ILE B 366 -29.90 13.13 7.12
N PHE B 367 -29.23 12.75 6.03
CA PHE B 367 -28.02 11.95 6.09
C PHE B 367 -26.84 12.66 6.78
N ALA B 368 -26.76 13.99 6.64
CA ALA B 368 -25.80 14.84 7.33
C ALA B 368 -25.99 14.81 8.86
N GLU B 369 -27.25 14.99 9.32
CA GLU B 369 -27.62 14.97 10.74
C GLU B 369 -27.42 13.57 11.29
N SER B 370 -27.77 12.56 10.49
CA SER B 370 -27.63 11.14 10.81
C SER B 370 -26.15 10.74 10.99
N SER B 371 -25.26 11.25 10.11
CA SER B 371 -23.81 10.98 10.18
C SER B 371 -23.24 11.59 11.45
N ARG B 372 -23.66 12.84 11.78
CA ARG B 372 -23.22 13.55 12.97
C ARG B 372 -23.67 12.84 14.25
N ARG B 373 -24.93 12.36 14.26
CA ARG B 373 -25.50 11.61 15.36
C ARG B 373 -24.70 10.30 15.57
N GLU B 374 -24.44 9.55 14.49
CA GLU B 374 -23.69 8.30 14.57
C GLU B 374 -22.22 8.49 14.98
N MET B 375 -21.55 9.52 14.44
CA MET B 375 -20.18 9.81 14.82
C MET B 375 -20.08 10.34 16.26
N ALA B 376 -21.11 11.05 16.74
CA ALA B 376 -21.17 11.50 18.14
C ALA B 376 -21.31 10.26 19.03
N ALA B 377 -22.15 9.27 18.63
CA ALA B 377 -22.32 8.02 19.38
C ALA B 377 -20.99 7.26 19.53
N LEU B 378 -20.09 7.34 18.52
CA LEU B 378 -18.76 6.71 18.57
C LEU B 378 -17.80 7.52 19.49
N GLY B 379 -18.18 8.75 19.83
CA GLY B 379 -17.36 9.64 20.66
C GLY B 379 -16.29 10.42 19.93
N VAL B 380 -16.37 10.49 18.57
CA VAL B 380 -15.42 11.23 17.73
C VAL B 380 -15.84 12.70 17.55
N LEU B 381 -17.13 12.97 17.76
CA LEU B 381 -17.75 14.29 17.65
C LEU B 381 -18.23 14.73 19.02
N PRO B 382 -17.96 16.00 19.46
CA PRO B 382 -17.24 17.09 18.74
C PRO B 382 -15.73 16.83 18.66
N VAL B 383 -15.04 17.48 17.72
CA VAL B 383 -13.60 17.25 17.61
C VAL B 383 -12.76 18.08 18.60
N ARG B 384 -13.09 19.39 18.75
CA ARG B 384 -12.39 20.35 19.61
C ARG B 384 -13.25 20.75 20.79
C1 GOL C . 19.75 -32.55 -12.35
O1 GOL C . 19.89 -31.99 -13.70
C2 GOL C . 19.07 -31.66 -11.23
O2 GOL C . 19.87 -30.57 -10.82
C3 GOL C . 18.59 -32.42 -9.95
O3 GOL C . 18.26 -31.54 -8.83
C1 GOL D . 12.86 -13.63 28.45
O1 GOL D . 14.14 -12.94 28.57
C2 GOL D . 12.94 -15.18 28.34
O2 GOL D . 13.42 -15.72 27.06
C3 GOL D . 11.53 -15.69 28.68
O3 GOL D . 11.45 -16.21 30.01
#